data_6BSX
#
_entry.id   6BSX
#
_cell.length_a   49.370
_cell.length_b   49.720
_cell.length_c   70.970
_cell.angle_alpha   89.990
_cell.angle_beta   77.700
_cell.angle_gamma   89.870
#
_symmetry.space_group_name_H-M   'P 1'
#
loop_
_entity.id
_entity.type
_entity.pdbx_description
1 polymer 'GTP-binding protein Rheb'
2 non-polymer 'MAGNESIUM ION'
3 non-polymer 'ACETATE ION'
4 non-polymer "GUANOSINE-5'-DIPHOSPHATE"
5 non-polymer (5,6-dimethyl-1H-benzimidazol-2-yl)methanol
6 non-polymer 1,2-ETHANEDIOL
7 water water
#
_entity_poly.entity_id   1
_entity_poly.type   'polypeptide(L)'
_entity_poly.pdbx_seq_one_letter_code
;SMPQSKSRKIAILGYRSVGKSSLTIQFVEGQFVDSYDPTIENTFTKLITVNGQEYHLQLVDTAGQDEYSIFPQTYSIDIN
GYILVYSVTSIKSFEVIKVIHGKLLDMVGKVQIPIMLVGNKKDLHMERVISYEEGKALAESWNAAFLESSAKENQTAVDV
FRRIILEAEKLEHHHHHH
;
_entity_poly.pdbx_strand_id   A,B,C,D
#
loop_
_chem_comp.id
_chem_comp.type
_chem_comp.name
_chem_comp.formula
ACT non-polymer 'ACETATE ION' 'C2 H3 O2 -1'
E7S non-polymer (5,6-dimethyl-1H-benzimidazol-2-yl)methanol 'C10 H12 N2 O'
EDO non-polymer 1,2-ETHANEDIOL 'C2 H6 O2'
GDP RNA linking GUANOSINE-5'-DIPHOSPHATE 'C10 H15 N5 O11 P2'
MG non-polymer 'MAGNESIUM ION' 'Mg 2'
#
# COMPACT_ATOMS: atom_id res chain seq x y z
N PRO A 3 -27.87 -13.28 32.38
CA PRO A 3 -26.55 -12.73 32.72
C PRO A 3 -26.47 -11.24 32.40
N GLN A 4 -25.55 -10.50 33.02
CA GLN A 4 -25.50 -9.09 32.72
C GLN A 4 -24.98 -8.83 31.31
N SER A 5 -24.06 -9.65 30.80
CA SER A 5 -23.62 -9.47 29.40
C SER A 5 -23.29 -10.81 28.75
N LYS A 6 -23.53 -10.92 27.43
CA LYS A 6 -23.15 -12.12 26.65
C LYS A 6 -22.19 -11.75 25.50
N SER A 7 -21.07 -12.44 25.38
CA SER A 7 -20.19 -12.18 24.26
C SER A 7 -20.57 -13.11 23.12
N ARG A 8 -20.85 -12.55 21.95
CA ARG A 8 -21.17 -13.36 20.74
C ARG A 8 -20.29 -12.97 19.56
N LYS A 9 -19.82 -13.95 18.81
CA LYS A 9 -18.99 -13.67 17.64
C LYS A 9 -19.73 -14.03 16.35
N ILE A 10 -19.79 -13.07 15.43
CA ILE A 10 -20.47 -13.28 14.14
C ILE A 10 -19.46 -13.11 13.04
N ALA A 11 -19.43 -14.06 12.09
CA ALA A 11 -18.54 -13.93 10.93
C ALA A 11 -19.31 -13.31 9.77
N ILE A 12 -18.69 -12.38 9.07
CA ILE A 12 -19.29 -11.68 7.94
C ILE A 12 -18.58 -12.19 6.70
N LEU A 13 -19.35 -12.84 5.81
CA LEU A 13 -18.75 -13.54 4.67
C LEU A 13 -19.28 -12.92 3.39
N GLY A 14 -18.56 -13.12 2.30
CA GLY A 14 -19.06 -12.73 1.01
C GLY A 14 -17.91 -12.48 0.07
N TYR A 15 -18.29 -12.32 -1.19
CA TYR A 15 -17.33 -12.01 -2.25
C TYR A 15 -16.66 -10.65 -2.04
N ARG A 16 -15.48 -10.50 -2.67
CA ARG A 16 -14.78 -9.22 -2.66
C ARG A 16 -15.66 -8.07 -3.07
N SER A 17 -15.53 -6.98 -2.33
CA SER A 17 -16.06 -5.66 -2.69
C SER A 17 -17.56 -5.49 -2.45
N VAL A 18 -18.20 -6.45 -1.80
CA VAL A 18 -19.68 -6.31 -1.60
C VAL A 18 -20.02 -5.32 -0.50
N GLY A 19 -19.05 -5.01 0.34
CA GLY A 19 -19.20 -3.97 1.36
C GLY A 19 -19.15 -4.55 2.75
N LYS A 20 -18.53 -5.71 2.90
CA LYS A 20 -18.44 -6.31 4.27
C LYS A 20 -17.73 -5.34 5.26
N SER A 21 -16.53 -4.81 4.92
CA SER A 21 -15.88 -3.84 5.81
C SER A 21 -16.67 -2.60 6.03
N SER A 22 -17.29 -2.10 4.97
CA SER A 22 -18.00 -0.82 5.09
C SER A 22 -19.25 -0.95 5.95
N LEU A 23 -19.91 -2.08 5.85
CA LEU A 23 -21.12 -2.31 6.63
C LEU A 23 -20.73 -2.43 8.09
N THR A 24 -19.65 -3.17 8.32
CA THR A 24 -19.21 -3.43 9.70
C THR A 24 -18.75 -2.15 10.36
N ILE A 25 -17.94 -1.39 9.66
CA ILE A 25 -17.50 -0.10 10.15
C ILE A 25 -18.62 0.93 10.32
N GLN A 26 -19.59 0.96 9.40
CA GLN A 26 -20.76 1.82 9.64
C GLN A 26 -21.37 1.47 11.01
N PHE A 27 -21.59 0.19 11.29
CA PHE A 27 -22.22 -0.18 12.54
C PHE A 27 -21.33 0.14 13.75
N VAL A 28 -20.06 -0.21 13.63
CA VAL A 28 -19.20 -0.13 14.81
C VAL A 28 -18.77 1.30 15.12
N GLU A 29 -18.41 2.07 14.09
CA GLU A 29 -17.91 3.42 14.24
C GLU A 29 -18.88 4.51 13.78
N GLY A 30 -19.99 4.12 13.16
CA GLY A 30 -20.96 5.10 12.72
C GLY A 30 -20.48 6.00 11.60
N GLN A 31 -19.53 5.52 10.79
CA GLN A 31 -18.99 6.27 9.67
C GLN A 31 -18.89 5.36 8.46
N PHE A 32 -19.02 5.94 7.26
CA PHE A 32 -18.81 5.25 5.97
C PHE A 32 -17.37 5.52 5.55
N VAL A 33 -16.52 4.51 5.59
CA VAL A 33 -15.11 4.77 5.38
C VAL A 33 -14.84 4.95 3.89
N ASP A 34 -13.97 5.91 3.57
CA ASP A 34 -13.54 6.15 2.20
C ASP A 34 -13.07 4.85 1.58
N SER A 35 -12.07 4.25 2.22
CA SER A 35 -11.49 2.99 1.78
C SER A 35 -10.95 2.21 2.96
N TYR A 36 -11.05 0.89 2.87
CA TYR A 36 -10.48 0.04 3.90
C TYR A 36 -9.85 -1.16 3.22
N ASP A 37 -8.60 -1.45 3.60
CA ASP A 37 -7.79 -2.52 2.97
C ASP A 37 -8.58 -3.79 2.68
N PRO A 38 -8.74 -4.16 1.39
CA PRO A 38 -9.59 -5.32 1.07
C PRO A 38 -9.00 -6.66 1.46
N THR A 39 -7.71 -6.67 1.84
CA THR A 39 -7.00 -7.93 2.05
C THR A 39 -6.93 -8.27 3.56
N ILE A 40 -7.47 -7.38 4.37
CA ILE A 40 -7.41 -7.52 5.81
C ILE A 40 -8.68 -8.07 6.47
N GLU A 41 -8.45 -8.98 7.42
CA GLU A 41 -9.45 -9.53 8.28
C GLU A 41 -9.19 -9.01 9.70
N ASN A 42 -10.15 -8.27 10.24
CA ASN A 42 -10.10 -7.84 11.62
C ASN A 42 -11.38 -8.19 12.36
N THR A 43 -11.29 -8.27 13.68
CA THR A 43 -12.46 -8.45 14.54
C THR A 43 -12.79 -7.11 15.19
N PHE A 44 -13.99 -6.63 14.95
CA PHE A 44 -14.46 -5.38 15.51
C PHE A 44 -15.37 -5.76 16.69
N THR A 45 -15.62 -4.85 17.62
CA THR A 45 -16.53 -5.13 18.72
CA THR A 45 -16.53 -5.15 18.70
C THR A 45 -17.46 -3.97 18.99
N LYS A 46 -18.66 -4.28 19.44
CA LYS A 46 -19.54 -3.20 19.81
C LYS A 46 -20.47 -3.71 20.89
N LEU A 47 -20.76 -2.89 21.91
CA LEU A 47 -21.80 -3.23 22.89
C LEU A 47 -23.18 -2.89 22.36
N ILE A 48 -24.08 -3.86 22.29
CA ILE A 48 -25.46 -3.55 21.82
C ILE A 48 -26.46 -4.23 22.76
N THR A 49 -27.66 -3.66 22.89
CA THR A 49 -28.66 -4.28 23.75
C THR A 49 -29.83 -4.73 22.89
N VAL A 50 -30.16 -6.01 22.96
CA VAL A 50 -31.30 -6.56 22.23
C VAL A 50 -32.33 -7.27 23.10
N ASN A 51 -33.60 -6.84 22.99
CA ASN A 51 -34.61 -7.23 23.96
C ASN A 51 -34.15 -7.23 25.45
N GLY A 52 -33.51 -6.15 25.84
CA GLY A 52 -33.10 -5.91 27.20
C GLY A 52 -31.82 -6.64 27.58
N GLN A 53 -31.32 -7.50 26.70
CA GLN A 53 -30.08 -8.23 27.00
C GLN A 53 -28.88 -7.55 26.42
N GLU A 54 -27.83 -7.35 27.24
CA GLU A 54 -26.62 -6.73 26.74
C GLU A 54 -25.66 -7.76 26.10
N TYR A 55 -25.08 -7.38 24.94
CA TYR A 55 -24.12 -8.21 24.20
C TYR A 55 -22.88 -7.47 23.96
N HIS A 56 -21.70 -8.12 24.11
CA HIS A 56 -20.50 -7.67 23.46
C HIS A 56 -20.41 -8.42 22.14
N LEU A 57 -20.81 -7.74 21.08
CA LEU A 57 -20.83 -8.38 19.78
C LEU A 57 -19.48 -8.22 19.12
N GLN A 58 -18.88 -9.36 18.76
CA GLN A 58 -17.63 -9.38 18.04
CA GLN A 58 -17.62 -9.37 18.05
C GLN A 58 -17.90 -9.70 16.59
N LEU A 59 -17.46 -8.84 15.68
CA LEU A 59 -17.76 -9.03 14.26
C LEU A 59 -16.46 -9.33 13.50
N VAL A 60 -16.38 -10.54 12.92
CA VAL A 60 -15.20 -10.94 12.16
C VAL A 60 -15.44 -10.56 10.67
N ASP A 61 -14.86 -9.41 10.31
CA ASP A 61 -14.91 -8.84 8.95
C ASP A 61 -13.90 -9.57 8.09
N THR A 62 -14.33 -10.68 7.48
CA THR A 62 -13.43 -11.52 6.68
C THR A 62 -13.00 -10.84 5.39
N ALA A 63 -11.81 -11.24 4.88
CA ALA A 63 -11.27 -10.63 3.65
C ALA A 63 -12.08 -10.92 2.42
N GLY A 64 -12.72 -12.08 2.36
CA GLY A 64 -13.56 -12.41 1.24
C GLY A 64 -13.42 -13.85 0.78
N GLN A 65 -14.43 -14.35 0.09
CA GLN A 65 -14.41 -15.75 -0.35
C GLN A 65 -14.86 -15.75 -1.79
N ASP A 66 -14.58 -16.86 -2.45
CA ASP A 66 -15.13 -17.05 -3.78
C ASP A 66 -15.46 -18.52 -3.95
N GLU A 67 -15.72 -18.95 -5.17
CA GLU A 67 -16.25 -20.29 -5.32
C GLU A 67 -15.15 -21.36 -5.09
N TYR A 68 -13.91 -20.92 -4.93
CA TYR A 68 -12.81 -21.83 -4.61
C TYR A 68 -12.28 -21.71 -3.15
N SER A 69 -12.91 -20.85 -2.37
CA SER A 69 -12.63 -20.79 -0.93
C SER A 69 -12.98 -22.09 -0.19
N ILE A 70 -12.34 -22.32 0.97
CA ILE A 70 -12.62 -23.54 1.74
C ILE A 70 -13.15 -23.21 3.11
N PHE A 71 -13.85 -24.17 3.71
CA PHE A 71 -14.52 -23.95 4.99
C PHE A 71 -14.32 -25.15 5.92
N PRO A 72 -13.08 -25.33 6.39
CA PRO A 72 -12.78 -26.35 7.39
C PRO A 72 -13.50 -26.08 8.70
N GLN A 73 -13.91 -27.13 9.41
CA GLN A 73 -14.62 -26.99 10.69
C GLN A 73 -13.83 -26.16 11.71
N THR A 74 -12.51 -26.21 11.61
CA THR A 74 -11.60 -25.35 12.35
C THR A 74 -12.00 -23.87 12.32
N TYR A 75 -12.41 -23.38 11.14
CA TYR A 75 -12.80 -21.97 10.97
C TYR A 75 -14.05 -21.60 11.80
N SER A 76 -14.86 -22.59 12.16
CA SER A 76 -16.11 -22.34 12.85
C SER A 76 -15.95 -22.22 14.36
N ILE A 77 -14.73 -22.33 14.87
CA ILE A 77 -14.57 -22.37 16.32
C ILE A 77 -14.85 -21.01 16.95
N ASP A 78 -15.76 -21.05 17.92
CA ASP A 78 -16.23 -19.89 18.67
C ASP A 78 -17.10 -18.94 17.84
N ILE A 79 -17.56 -19.36 16.67
CA ILE A 79 -18.50 -18.53 15.90
C ILE A 79 -19.94 -18.83 16.24
N ASN A 80 -20.69 -17.80 16.60
CA ASN A 80 -22.08 -17.96 17.01
C ASN A 80 -23.11 -17.63 15.95
N GLY A 81 -22.69 -17.26 14.73
CA GLY A 81 -23.64 -16.87 13.69
C GLY A 81 -22.87 -16.32 12.51
N TYR A 82 -23.53 -16.34 11.36
CA TYR A 82 -22.97 -15.94 10.07
C TYR A 82 -23.86 -14.93 9.33
N ILE A 83 -23.24 -13.87 8.82
CA ILE A 83 -23.94 -12.94 7.96
C ILE A 83 -23.30 -13.07 6.58
N LEU A 84 -24.13 -13.44 5.60
CA LEU A 84 -23.67 -13.67 4.23
C LEU A 84 -24.09 -12.48 3.40
N VAL A 85 -23.12 -11.75 2.86
CA VAL A 85 -23.37 -10.50 2.22
C VAL A 85 -23.10 -10.63 0.70
N TYR A 86 -24.03 -10.14 -0.07
CA TYR A 86 -23.76 -9.88 -1.50
C TYR A 86 -24.07 -8.40 -1.85
N SER A 87 -23.73 -7.97 -3.07
CA SER A 87 -24.08 -6.64 -3.46
C SER A 87 -25.23 -6.73 -4.44
N VAL A 88 -26.30 -5.95 -4.26
CA VAL A 88 -27.36 -5.96 -5.27
C VAL A 88 -26.93 -5.45 -6.66
N THR A 89 -25.72 -4.91 -6.76
CA THR A 89 -25.19 -4.46 -8.03
C THR A 89 -24.30 -5.51 -8.71
N SER A 90 -24.05 -6.65 -8.06
CA SER A 90 -23.15 -7.64 -8.61
C SER A 90 -23.77 -9.04 -8.72
N ILE A 91 -24.10 -9.45 -9.94
CA ILE A 91 -24.57 -10.81 -10.11
C ILE A 91 -23.56 -11.83 -9.65
N LYS A 92 -22.30 -11.57 -9.96
CA LYS A 92 -21.21 -12.45 -9.58
C LYS A 92 -21.30 -12.66 -8.09
N SER A 93 -21.53 -11.60 -7.35
CA SER A 93 -21.45 -11.70 -5.86
C SER A 93 -22.60 -12.56 -5.32
N PHE A 94 -23.75 -12.50 -6.04
CA PHE A 94 -24.88 -13.28 -5.63
C PHE A 94 -24.69 -14.74 -5.97
N GLU A 95 -24.15 -15.03 -7.15
CA GLU A 95 -23.85 -16.41 -7.45
C GLU A 95 -22.82 -16.96 -6.45
N VAL A 96 -21.90 -16.13 -6.03
CA VAL A 96 -20.84 -16.59 -5.12
C VAL A 96 -21.46 -16.89 -3.73
N ILE A 97 -22.47 -16.13 -3.32
CA ILE A 97 -22.95 -16.28 -1.94
C ILE A 97 -23.70 -17.59 -1.87
N LYS A 98 -24.28 -18.01 -3.00
CA LYS A 98 -24.94 -19.31 -3.04
C LYS A 98 -23.92 -20.42 -2.79
N VAL A 99 -22.76 -20.33 -3.44
CA VAL A 99 -21.71 -21.35 -3.30
C VAL A 99 -21.20 -21.34 -1.86
N ILE A 100 -20.95 -20.15 -1.34
CA ILE A 100 -20.46 -19.99 0.06
C ILE A 100 -21.45 -20.64 1.04
N HIS A 101 -22.75 -20.38 0.86
CA HIS A 101 -23.71 -20.99 1.76
C HIS A 101 -23.68 -22.51 1.78
N GLY A 102 -23.55 -23.12 0.61
CA GLY A 102 -23.54 -24.56 0.58
C GLY A 102 -22.31 -25.10 1.29
N LYS A 103 -21.18 -24.42 1.12
CA LYS A 103 -19.95 -24.88 1.76
C LYS A 103 -20.04 -24.66 3.25
N LEU A 104 -20.66 -23.55 3.61
CA LEU A 104 -20.88 -23.23 5.04
C LEU A 104 -21.70 -24.31 5.73
N LEU A 105 -22.80 -24.73 5.11
CA LEU A 105 -23.66 -25.77 5.66
C LEU A 105 -22.88 -27.06 5.88
N ASP A 106 -22.00 -27.38 4.93
CA ASP A 106 -21.19 -28.57 5.07
C ASP A 106 -20.30 -28.46 6.27
N MET A 107 -19.84 -27.25 6.57
CA MET A 107 -18.96 -27.04 7.70
C MET A 107 -19.73 -27.15 9.00
N VAL A 108 -20.85 -26.46 9.13
CA VAL A 108 -21.49 -26.37 10.44
C VAL A 108 -22.43 -27.51 10.72
N GLY A 109 -22.73 -28.32 9.69
CA GLY A 109 -23.63 -29.44 9.87
C GLY A 109 -24.98 -29.00 10.41
N LYS A 110 -25.49 -29.69 11.42
CA LYS A 110 -26.83 -29.37 11.91
C LYS A 110 -26.81 -28.68 13.28
N VAL A 111 -25.73 -27.96 13.58
CA VAL A 111 -25.64 -27.15 14.79
C VAL A 111 -26.63 -25.95 14.69
N GLN A 112 -27.22 -25.57 15.82
CA GLN A 112 -28.24 -24.51 15.81
C GLN A 112 -27.56 -23.15 15.89
N ILE A 113 -27.06 -22.69 14.76
CA ILE A 113 -26.49 -21.35 14.67
C ILE A 113 -27.11 -20.58 13.50
N PRO A 114 -27.37 -19.28 13.70
CA PRO A 114 -28.09 -18.54 12.67
C PRO A 114 -27.22 -18.10 11.50
N ILE A 115 -27.85 -18.13 10.35
CA ILE A 115 -27.23 -17.75 9.11
C ILE A 115 -28.18 -16.76 8.48
N MET A 116 -27.76 -15.51 8.29
CA MET A 116 -28.68 -14.58 7.58
C MET A 116 -28.04 -14.07 6.27
N LEU A 117 -28.90 -13.62 5.36
CA LEU A 117 -28.49 -13.12 4.03
C LEU A 117 -28.72 -11.61 3.95
N VAL A 118 -27.75 -10.89 3.45
CA VAL A 118 -27.82 -9.45 3.37
C VAL A 118 -27.43 -8.99 1.96
N GLY A 119 -28.35 -8.24 1.32
CA GLY A 119 -28.05 -7.66 0.03
C GLY A 119 -27.67 -6.21 0.21
N ASN A 120 -26.39 -5.92 0.02
CA ASN A 120 -25.87 -4.59 0.31
C ASN A 120 -25.76 -3.66 -0.91
N LYS A 121 -25.47 -2.36 -0.67
CA LYS A 121 -25.37 -1.31 -1.65
C LYS A 121 -26.74 -0.95 -2.24
N LYS A 122 -27.79 -1.04 -1.42
CA LYS A 122 -29.16 -0.77 -1.94
C LYS A 122 -29.33 0.70 -2.36
N ASP A 123 -28.38 1.57 -1.98
CA ASP A 123 -28.42 2.99 -2.33
C ASP A 123 -28.07 3.23 -3.80
N LEU A 124 -27.45 2.25 -4.47
CA LEU A 124 -27.00 2.42 -5.84
C LEU A 124 -28.13 2.03 -6.82
N HIS A 125 -29.22 2.80 -6.87
CA HIS A 125 -30.41 2.38 -7.60
C HIS A 125 -30.15 2.16 -9.07
N MET A 126 -29.29 2.99 -9.66
CA MET A 126 -29.06 2.86 -11.09
C MET A 126 -28.20 1.66 -11.41
N GLU A 127 -27.48 1.13 -10.41
CA GLU A 127 -26.61 -0.02 -10.67
C GLU A 127 -27.21 -1.38 -10.23
N ARG A 128 -28.38 -1.35 -9.59
CA ARG A 128 -28.98 -2.58 -9.08
C ARG A 128 -29.31 -3.59 -10.16
N VAL A 129 -28.93 -4.85 -9.96
CA VAL A 129 -29.23 -5.91 -10.94
C VAL A 129 -29.94 -7.09 -10.28
N ILE A 130 -29.95 -7.09 -8.95
CA ILE A 130 -30.69 -8.10 -8.18
C ILE A 130 -31.87 -7.40 -7.46
N SER A 131 -33.11 -7.83 -7.73
CA SER A 131 -34.27 -7.35 -6.99
C SER A 131 -34.29 -7.81 -5.54
N TYR A 132 -35.02 -7.07 -4.74
CA TYR A 132 -35.32 -7.47 -3.38
C TYR A 132 -35.87 -8.90 -3.33
N GLU A 133 -36.85 -9.18 -4.19
CA GLU A 133 -37.53 -10.46 -4.18
C GLU A 133 -36.65 -11.66 -4.50
N GLU A 134 -35.64 -11.46 -5.34
CA GLU A 134 -34.72 -12.57 -5.66
C GLU A 134 -33.85 -12.94 -4.45
N GLY A 135 -33.43 -11.92 -3.70
CA GLY A 135 -32.65 -12.15 -2.48
C GLY A 135 -33.55 -12.75 -1.40
N LYS A 136 -34.77 -12.23 -1.29
CA LYS A 136 -35.68 -12.76 -0.27
C LYS A 136 -35.98 -14.24 -0.59
N ALA A 137 -36.17 -14.60 -1.87
CA ALA A 137 -36.54 -15.99 -2.16
C ALA A 137 -35.41 -16.95 -1.85
N LEU A 138 -34.20 -16.49 -2.11
CA LEU A 138 -33.02 -17.28 -1.77
C LEU A 138 -32.97 -17.52 -0.26
N ALA A 139 -33.07 -16.45 0.49
CA ALA A 139 -33.08 -16.57 1.93
C ALA A 139 -34.20 -17.52 2.43
N GLU A 140 -35.39 -17.46 1.86
CA GLU A 140 -36.48 -18.34 2.28
CA GLU A 140 -36.48 -18.33 2.29
C GLU A 140 -36.12 -19.80 2.03
N SER A 141 -35.43 -20.06 0.92
CA SER A 141 -35.06 -21.41 0.58
C SER A 141 -34.04 -21.94 1.58
N TRP A 142 -33.36 -21.03 2.28
CA TRP A 142 -32.37 -21.38 3.28
C TRP A 142 -32.95 -21.40 4.68
N ASN A 143 -34.23 -21.04 4.82
CA ASN A 143 -34.82 -20.77 6.13
C ASN A 143 -34.04 -19.68 6.89
N ALA A 144 -33.60 -18.65 6.15
CA ALA A 144 -32.73 -17.60 6.67
C ALA A 144 -33.42 -16.26 6.69
N ALA A 145 -33.09 -15.42 7.69
CA ALA A 145 -33.51 -14.02 7.66
C ALA A 145 -32.88 -13.27 6.45
N PHE A 146 -33.60 -12.28 5.93
CA PHE A 146 -33.14 -11.45 4.84
C PHE A 146 -33.33 -9.95 5.10
N LEU A 147 -32.32 -9.17 4.80
CA LEU A 147 -32.40 -7.70 4.85
C LEU A 147 -31.54 -7.14 3.75
N GLU A 148 -31.98 -6.04 3.15
CA GLU A 148 -31.09 -5.25 2.32
C GLU A 148 -30.46 -4.12 3.16
N SER A 149 -29.29 -3.64 2.77
CA SER A 149 -28.61 -2.58 3.49
C SER A 149 -27.90 -1.64 2.56
N SER A 150 -27.50 -0.49 3.11
CA SER A 150 -26.51 0.41 2.51
C SER A 150 -25.49 0.73 3.59
N ALA A 151 -24.19 0.50 3.36
CA ALA A 151 -23.19 0.91 4.32
C ALA A 151 -23.12 2.45 4.50
N LYS A 152 -23.83 3.20 3.63
CA LYS A 152 -23.92 4.66 3.80
C LYS A 152 -25.05 5.05 4.75
N GLU A 153 -25.88 4.09 5.16
CA GLU A 153 -27.07 4.37 5.99
C GLU A 153 -26.97 3.67 7.32
N ASN A 154 -26.67 4.41 8.36
CA ASN A 154 -26.39 3.78 9.64
C ASN A 154 -27.53 2.89 10.13
N GLN A 155 -28.79 3.32 9.97
CA GLN A 155 -29.86 2.49 10.51
C GLN A 155 -29.93 1.12 9.86
N THR A 156 -29.54 1.01 8.60
CA THR A 156 -29.62 -0.28 7.92
C THR A 156 -28.51 -1.20 8.38
N ALA A 157 -27.38 -0.62 8.76
CA ALA A 157 -26.28 -1.41 9.38
C ALA A 157 -26.67 -1.94 10.74
N VAL A 158 -27.25 -1.05 11.56
CA VAL A 158 -27.78 -1.41 12.87
C VAL A 158 -28.84 -2.48 12.78
N ASP A 159 -29.71 -2.38 11.77
CA ASP A 159 -30.78 -3.37 11.67
C ASP A 159 -30.25 -4.77 11.42
N VAL A 160 -29.18 -4.84 10.60
CA VAL A 160 -28.53 -6.10 10.25
C VAL A 160 -27.95 -6.81 11.50
N PHE A 161 -27.27 -6.07 12.33
CA PHE A 161 -26.62 -6.73 13.45
C PHE A 161 -27.59 -6.97 14.62
N ARG A 162 -28.63 -6.12 14.77
CA ARG A 162 -29.68 -6.41 15.72
C ARG A 162 -30.36 -7.69 15.29
N ARG A 163 -30.54 -7.89 13.98
CA ARG A 163 -31.35 -9.01 13.58
C ARG A 163 -30.61 -10.34 13.78
N ILE A 164 -29.28 -10.34 13.60
CA ILE A 164 -28.57 -11.62 13.69
C ILE A 164 -28.57 -12.05 15.17
N ILE A 165 -28.55 -11.08 16.08
CA ILE A 165 -28.68 -11.40 17.51
C ILE A 165 -30.09 -11.88 17.83
N LEU A 166 -31.11 -11.30 17.23
CA LEU A 166 -32.46 -11.84 17.49
C LEU A 166 -32.55 -13.26 17.01
N GLU A 167 -32.02 -13.53 15.80
CA GLU A 167 -32.05 -14.91 15.35
C GLU A 167 -31.26 -15.89 16.19
N ALA A 168 -30.11 -15.46 16.70
CA ALA A 168 -29.26 -16.31 17.57
C ALA A 168 -30.03 -16.70 18.84
N GLU A 169 -30.69 -15.72 19.44
CA GLU A 169 -31.53 -15.99 20.60
C GLU A 169 -32.68 -16.96 20.33
N LYS A 170 -33.39 -16.83 19.21
CA LYS A 170 -34.42 -17.83 18.92
C LYS A 170 -33.90 -19.28 18.91
N LEU A 171 -32.69 -19.48 18.40
CA LEU A 171 -32.13 -20.82 18.34
C LEU A 171 -31.50 -21.28 19.66
N GLU A 172 -31.27 -20.35 20.58
CA GLU A 172 -30.69 -20.73 21.88
C GLU A 172 -31.76 -20.82 22.95
N PRO B 3 -3.15 -6.87 12.03
CA PRO B 3 -4.49 -7.37 11.73
C PRO B 3 -4.65 -8.84 12.10
N GLN B 4 -5.88 -9.28 12.32
CA GLN B 4 -6.15 -10.68 12.67
C GLN B 4 -5.71 -11.66 11.59
N SER B 5 -5.99 -11.33 10.34
CA SER B 5 -5.54 -12.16 9.22
C SER B 5 -5.27 -11.31 7.97
N LYS B 6 -4.33 -11.74 7.15
CA LYS B 6 -3.97 -11.04 5.90
C LYS B 6 -4.12 -12.03 4.76
N SER B 7 -4.82 -11.64 3.70
CA SER B 7 -4.93 -12.45 2.49
C SER B 7 -3.86 -12.05 1.52
N ARG B 8 -3.02 -13.03 1.10
CA ARG B 8 -1.93 -12.75 0.17
C ARG B 8 -1.98 -13.75 -0.98
N LYS B 9 -1.72 -13.29 -2.20
CA LYS B 9 -1.82 -14.21 -3.33
C LYS B 9 -0.45 -14.33 -3.95
N ILE B 10 -0.03 -15.57 -4.16
CA ILE B 10 1.28 -15.84 -4.75
C ILE B 10 1.12 -16.63 -6.06
N ALA B 11 1.74 -16.14 -7.13
CA ALA B 11 1.74 -16.89 -8.40
C ALA B 11 2.92 -17.84 -8.45
N ILE B 12 2.68 -19.07 -8.89
CA ILE B 12 3.75 -20.06 -9.08
C ILE B 12 3.97 -20.26 -10.59
N LEU B 13 5.18 -19.94 -11.02
CA LEU B 13 5.51 -19.88 -12.46
C LEU B 13 6.56 -20.91 -12.77
N GLY B 14 6.68 -21.32 -14.04
CA GLY B 14 7.81 -22.13 -14.45
C GLY B 14 7.42 -22.96 -15.66
N TYR B 15 8.42 -23.59 -16.27
CA TYR B 15 8.20 -24.45 -17.45
C TYR B 15 7.32 -25.66 -17.11
N ARG B 16 6.72 -26.31 -18.12
CA ARG B 16 5.83 -27.40 -17.76
C ARG B 16 6.65 -28.55 -17.18
N SER B 17 5.96 -29.27 -16.30
CA SER B 17 6.45 -30.52 -15.72
C SER B 17 7.49 -30.34 -14.63
N VAL B 18 7.75 -29.10 -14.21
CA VAL B 18 8.80 -28.89 -13.14
C VAL B 18 8.29 -29.21 -11.76
N GLY B 19 6.98 -29.32 -11.61
CA GLY B 19 6.35 -29.77 -10.37
C GLY B 19 5.59 -28.66 -9.67
N LYS B 20 5.16 -27.65 -10.43
CA LYS B 20 4.41 -26.55 -9.77
C LYS B 20 3.14 -27.11 -9.06
N SER B 21 2.34 -27.93 -9.76
CA SER B 21 1.16 -28.49 -9.12
C SER B 21 1.49 -29.38 -7.95
N SER B 22 2.47 -30.23 -8.14
CA SER B 22 2.81 -31.22 -7.13
C SER B 22 3.34 -30.54 -5.86
N LEU B 23 4.14 -29.50 -6.05
CA LEU B 23 4.64 -28.78 -4.89
C LEU B 23 3.49 -28.05 -4.17
N THR B 24 2.55 -27.49 -4.94
CA THR B 24 1.49 -26.68 -4.35
C THR B 24 0.55 -27.60 -3.59
N ILE B 25 0.23 -28.73 -4.20
CA ILE B 25 -0.67 -29.71 -3.59
C ILE B 25 -0.03 -30.38 -2.37
N GLN B 26 1.27 -30.65 -2.44
CA GLN B 26 1.95 -31.15 -1.22
C GLN B 26 1.79 -30.18 -0.02
N PHE B 27 2.02 -28.89 -0.26
CA PHE B 27 1.81 -27.91 0.78
C PHE B 27 0.34 -27.82 1.26
N VAL B 28 -0.56 -27.75 0.32
CA VAL B 28 -1.95 -27.41 0.67
C VAL B 28 -2.70 -28.61 1.24
N GLU B 29 -2.50 -29.78 0.65
CA GLU B 29 -3.23 -30.98 1.03
C GLU B 29 -2.36 -32.06 1.68
N GLY B 30 -1.05 -31.86 1.72
CA GLY B 30 -0.17 -32.81 2.37
C GLY B 30 -0.01 -34.16 1.67
N GLN B 31 -0.25 -34.18 0.37
CA GLN B 31 -0.14 -35.42 -0.41
C GLN B 31 0.69 -35.15 -1.67
N PHE B 32 1.38 -36.18 -2.16
CA PHE B 32 2.09 -36.12 -3.43
C PHE B 32 1.18 -36.77 -4.47
N VAL B 33 0.57 -35.96 -5.32
CA VAL B 33 -0.36 -36.55 -6.29
C VAL B 33 0.42 -37.22 -7.42
N ASP B 34 -0.04 -38.39 -7.84
CA ASP B 34 0.62 -39.13 -8.92
C ASP B 34 0.60 -38.28 -10.18
N SER B 35 -0.58 -37.73 -10.48
CA SER B 35 -0.69 -36.82 -11.61
C SER B 35 -1.81 -35.81 -11.38
N TYR B 36 -1.61 -34.64 -11.96
CA TYR B 36 -2.56 -33.54 -11.88
C TYR B 36 -2.57 -32.85 -13.23
N ASP B 37 -3.75 -32.62 -13.80
CA ASP B 37 -3.89 -32.08 -15.17
C ASP B 37 -2.91 -30.94 -15.47
N PRO B 38 -1.95 -31.17 -16.40
CA PRO B 38 -0.94 -30.15 -16.74
C PRO B 38 -1.46 -28.85 -17.37
N THR B 39 -2.74 -28.81 -17.78
CA THR B 39 -3.22 -27.71 -18.63
C THR B 39 -4.11 -26.77 -17.83
N ILE B 40 -4.21 -27.12 -16.55
CA ILE B 40 -5.08 -26.50 -15.60
C ILE B 40 -4.38 -25.52 -14.65
N GLU B 41 -4.96 -24.32 -14.56
CA GLU B 41 -4.57 -23.32 -13.60
C GLU B 41 -5.66 -23.17 -12.53
N ASN B 42 -5.28 -23.35 -11.27
CA ASN B 42 -6.25 -23.19 -10.20
C ASN B 42 -5.63 -22.41 -9.07
N THR B 43 -6.46 -21.81 -8.24
CA THR B 43 -5.99 -21.15 -7.02
C THR B 43 -6.31 -22.03 -5.81
N PHE B 44 -5.25 -22.37 -5.07
CA PHE B 44 -5.36 -23.17 -3.88
C PHE B 44 -5.22 -22.21 -2.69
N THR B 45 -5.79 -22.57 -1.56
CA THR B 45 -5.75 -21.69 -0.39
CA THR B 45 -5.67 -21.68 -0.42
C THR B 45 -5.34 -22.45 0.85
N LYS B 46 -4.55 -21.81 1.70
CA LYS B 46 -4.15 -22.47 2.91
C LYS B 46 -3.96 -21.44 4.01
N LEU B 47 -4.41 -21.75 5.23
CA LEU B 47 -4.16 -20.86 6.38
C LEU B 47 -2.78 -21.16 6.94
N ILE B 48 -1.93 -20.16 7.05
CA ILE B 48 -0.59 -20.37 7.65
C ILE B 48 -0.23 -19.19 8.55
N THR B 49 0.61 -19.46 9.58
CA THR B 49 0.98 -18.37 10.47
C THR B 49 2.47 -18.19 10.36
N VAL B 50 2.92 -16.99 10.05
CA VAL B 50 4.35 -16.72 9.94
C VAL B 50 4.79 -15.55 10.86
N ASN B 51 5.82 -15.79 11.68
CA ASN B 51 6.09 -14.89 12.79
C ASN B 51 4.85 -14.35 13.54
N GLY B 52 3.95 -15.25 13.90
CA GLY B 52 2.78 -14.91 14.67
C GLY B 52 1.70 -14.22 13.90
N GLN B 53 1.96 -13.93 12.62
CA GLN B 53 0.86 -13.37 11.80
C GLN B 53 0.11 -14.41 11.02
N GLU B 54 -1.23 -14.37 11.08
CA GLU B 54 -2.06 -15.29 10.28
CA GLU B 54 -2.06 -15.28 10.29
C GLU B 54 -2.23 -14.79 8.84
N TYR B 55 -2.10 -15.75 7.90
CA TYR B 55 -2.34 -15.49 6.47
C TYR B 55 -3.28 -16.48 5.90
N HIS B 56 -4.24 -16.01 5.06
CA HIS B 56 -4.92 -16.81 4.08
C HIS B 56 -4.08 -16.71 2.80
N LEU B 57 -3.27 -17.74 2.57
CA LEU B 57 -2.34 -17.71 1.47
C LEU B 57 -3.01 -18.37 0.26
N GLN B 58 -3.19 -17.58 -0.80
CA GLN B 58 -3.75 -18.05 -2.05
CA GLN B 58 -3.75 -18.02 -2.06
C GLN B 58 -2.62 -18.30 -3.03
N LEU B 59 -2.59 -19.51 -3.60
CA LEU B 59 -1.49 -19.92 -4.47
C LEU B 59 -2.08 -20.15 -5.88
N VAL B 60 -1.68 -19.34 -6.81
CA VAL B 60 -2.08 -19.50 -8.22
C VAL B 60 -1.10 -20.46 -8.93
N ASP B 61 -1.52 -21.71 -9.06
CA ASP B 61 -0.76 -22.79 -9.69
C ASP B 61 -0.92 -22.69 -11.20
N THR B 62 -0.02 -21.94 -11.86
CA THR B 62 -0.19 -21.66 -13.29
C THR B 62 0.10 -22.88 -14.10
N ALA B 63 -0.44 -22.93 -15.33
CA ALA B 63 -0.21 -24.12 -16.14
C ALA B 63 1.27 -24.26 -16.50
N GLY B 64 1.84 -23.13 -16.91
CA GLY B 64 3.22 -23.13 -17.28
C GLY B 64 3.51 -22.12 -18.36
N GLN B 65 4.77 -21.72 -18.42
CA GLN B 65 5.22 -20.73 -19.37
C GLN B 65 6.43 -21.28 -20.07
N ASP B 66 6.74 -20.68 -21.21
CA ASP B 66 7.99 -20.98 -21.87
C ASP B 66 8.57 -19.71 -22.45
N GLU B 67 9.54 -19.84 -23.34
CA GLU B 67 10.27 -18.65 -23.75
C GLU B 67 9.44 -17.75 -24.67
N TYR B 68 8.24 -18.20 -25.07
CA TYR B 68 7.32 -17.38 -25.86
C TYR B 68 6.06 -16.93 -25.11
N SER B 69 6.01 -17.23 -23.81
CA SER B 69 4.93 -16.72 -22.96
C SER B 69 4.97 -15.22 -22.79
N ILE B 70 3.85 -14.62 -22.40
CA ILE B 70 3.74 -13.16 -22.28
C ILE B 70 3.31 -12.78 -20.88
N PHE B 71 3.65 -11.56 -20.50
CA PHE B 71 3.44 -11.10 -19.13
C PHE B 71 2.92 -9.69 -19.16
N PRO B 72 1.70 -9.53 -19.67
CA PRO B 72 1.05 -8.23 -19.59
C PRO B 72 0.76 -7.85 -18.15
N GLN B 73 0.84 -6.56 -17.88
CA GLN B 73 0.60 -6.02 -16.55
C GLN B 73 -0.74 -6.46 -15.95
N THR B 74 -1.76 -6.58 -16.82
CA THR B 74 -3.06 -7.11 -16.41
C THR B 74 -2.95 -8.43 -15.65
N TYR B 75 -2.03 -9.30 -16.11
CA TYR B 75 -1.93 -10.66 -15.59
C TYR B 75 -1.46 -10.68 -14.13
N SER B 76 -0.99 -9.53 -13.64
CA SER B 76 -0.40 -9.42 -12.33
C SER B 76 -1.29 -8.74 -11.29
N ILE B 77 -2.56 -8.55 -11.60
CA ILE B 77 -3.40 -7.80 -10.67
C ILE B 77 -3.68 -8.65 -9.45
N ASP B 78 -3.55 -8.03 -8.28
CA ASP B 78 -3.75 -8.64 -6.97
C ASP B 78 -2.70 -9.70 -6.60
N ILE B 79 -1.56 -9.73 -7.31
CA ILE B 79 -0.49 -10.67 -6.94
C ILE B 79 0.52 -10.03 -6.01
N ASN B 80 0.79 -10.69 -4.88
CA ASN B 80 1.69 -10.18 -3.87
C ASN B 80 3.08 -10.77 -3.86
N GLY B 81 3.38 -11.69 -4.78
CA GLY B 81 4.68 -12.36 -4.78
C GLY B 81 4.67 -13.45 -5.83
N TYR B 82 5.87 -13.88 -6.21
CA TYR B 82 6.09 -14.83 -7.30
C TYR B 82 7.08 -15.90 -6.88
N ILE B 83 6.72 -17.17 -7.09
CA ILE B 83 7.67 -18.24 -6.91
C ILE B 83 8.02 -18.80 -8.30
N LEU B 84 9.30 -18.77 -8.65
CA LEU B 84 9.73 -19.25 -9.97
C LEU B 84 10.39 -20.58 -9.76
N VAL B 85 9.84 -21.60 -10.37
CA VAL B 85 10.24 -22.97 -10.17
C VAL B 85 10.94 -23.57 -11.40
N TYR B 86 12.09 -24.20 -11.23
CA TYR B 86 12.61 -25.09 -12.30
C TYR B 86 12.80 -26.48 -11.72
N SER B 87 13.17 -27.44 -12.57
CA SER B 87 13.50 -28.74 -12.09
C SER B 87 15.03 -28.92 -12.12
N VAL B 88 15.63 -29.39 -11.04
CA VAL B 88 17.07 -29.63 -11.10
C VAL B 88 17.46 -30.78 -12.04
N THR B 89 16.46 -31.47 -12.61
CA THR B 89 16.69 -32.52 -13.60
C THR B 89 16.49 -32.04 -15.04
N SER B 90 16.19 -30.76 -15.21
CA SER B 90 15.91 -30.24 -16.56
C SER B 90 16.65 -28.95 -16.89
N ILE B 91 17.77 -29.05 -17.62
CA ILE B 91 18.42 -27.84 -18.12
C ILE B 91 17.46 -26.87 -18.84
N LYS B 92 16.54 -27.42 -19.66
CA LYS B 92 15.60 -26.63 -20.41
C LYS B 92 14.81 -25.78 -19.43
N SER B 93 14.40 -26.40 -18.33
CA SER B 93 13.50 -25.71 -17.38
C SER B 93 14.26 -24.56 -16.71
N PHE B 94 15.56 -24.76 -16.52
CA PHE B 94 16.40 -23.73 -15.93
C PHE B 94 16.67 -22.61 -16.92
N GLU B 95 16.89 -22.94 -18.19
CA GLU B 95 17.06 -21.83 -19.11
CA GLU B 95 16.99 -21.94 -19.27
C GLU B 95 15.74 -21.08 -19.31
N VAL B 96 14.61 -21.76 -19.19
CA VAL B 96 13.32 -21.09 -19.36
C VAL B 96 13.05 -20.15 -18.18
N ILE B 97 13.48 -20.51 -16.98
CA ILE B 97 13.11 -19.70 -15.82
C ILE B 97 13.91 -18.39 -15.89
N LYS B 98 15.09 -18.42 -16.51
CA LYS B 98 15.83 -17.19 -16.73
C LYS B 98 15.05 -16.21 -17.62
N VAL B 99 14.47 -16.71 -18.72
CA VAL B 99 13.62 -15.92 -19.61
C VAL B 99 12.38 -15.40 -18.92
N ILE B 100 11.71 -16.28 -18.18
CA ILE B 100 10.47 -15.91 -17.46
C ILE B 100 10.81 -14.76 -16.52
N HIS B 101 11.92 -14.88 -15.75
CA HIS B 101 12.25 -13.80 -14.83
C HIS B 101 12.46 -12.44 -15.47
N GLY B 102 13.10 -12.41 -16.64
CA GLY B 102 13.34 -11.14 -17.28
C GLY B 102 12.02 -10.52 -17.71
N LYS B 103 11.14 -11.36 -18.23
CA LYS B 103 9.81 -10.87 -18.63
C LYS B 103 9.01 -10.42 -17.44
N LEU B 104 9.20 -11.13 -16.33
CA LEU B 104 8.46 -10.80 -15.12
C LEU B 104 8.89 -9.43 -14.62
N LEU B 105 10.19 -9.16 -14.67
CA LEU B 105 10.71 -7.86 -14.21
C LEU B 105 10.17 -6.72 -15.05
N ASP B 106 10.06 -6.96 -16.35
CA ASP B 106 9.46 -5.93 -17.21
C ASP B 106 8.02 -5.67 -16.82
N MET B 107 7.32 -6.70 -16.36
CA MET B 107 5.92 -6.55 -16.03
C MET B 107 5.78 -5.78 -14.71
N VAL B 108 6.50 -6.20 -13.69
CA VAL B 108 6.34 -5.62 -12.34
C VAL B 108 7.13 -4.34 -12.05
N GLY B 109 8.18 -4.06 -12.82
CA GLY B 109 8.91 -2.81 -12.63
C GLY B 109 9.56 -2.77 -11.26
N LYS B 110 9.64 -1.60 -10.63
CA LYS B 110 10.30 -1.51 -9.33
C LYS B 110 9.32 -1.55 -8.16
N VAL B 111 8.11 -2.10 -8.37
CA VAL B 111 7.21 -2.36 -7.27
C VAL B 111 7.85 -3.37 -6.28
N GLN B 112 7.76 -3.08 -4.98
CA GLN B 112 8.37 -3.94 -3.96
C GLN B 112 7.53 -5.18 -3.68
N ILE B 113 7.64 -6.17 -4.56
CA ILE B 113 7.03 -7.50 -4.38
C ILE B 113 8.11 -8.58 -4.50
N PRO B 114 8.02 -9.66 -3.70
CA PRO B 114 9.11 -10.63 -3.71
C PRO B 114 9.03 -11.62 -4.83
N ILE B 115 10.20 -12.02 -5.30
CA ILE B 115 10.31 -13.01 -6.34
C ILE B 115 11.34 -13.99 -5.83
N MET B 116 10.97 -15.25 -5.65
CA MET B 116 11.95 -16.26 -5.19
C MET B 116 12.13 -17.39 -6.20
N LEU B 117 13.28 -18.04 -6.14
CA LEU B 117 13.61 -19.12 -7.07
C LEU B 117 13.64 -20.47 -6.36
N VAL B 118 13.05 -21.47 -6.97
CA VAL B 118 12.96 -22.79 -6.39
C VAL B 118 13.39 -23.87 -7.37
N GLY B 119 14.34 -24.71 -6.92
CA GLY B 119 14.84 -25.83 -7.70
C GLY B 119 14.21 -27.10 -7.18
N ASN B 120 13.21 -27.60 -7.92
CA ASN B 120 12.43 -28.73 -7.46
C ASN B 120 12.97 -30.07 -7.94
N LYS B 121 12.40 -31.18 -7.43
CA LYS B 121 12.76 -32.56 -7.75
C LYS B 121 14.14 -32.93 -7.20
N LYS B 122 14.50 -32.32 -6.07
CA LYS B 122 15.85 -32.62 -5.51
C LYS B 122 15.96 -34.08 -5.05
N ASP B 123 14.85 -34.78 -4.93
CA ASP B 123 14.92 -36.21 -4.59
C ASP B 123 15.47 -37.10 -5.74
N LEU B 124 15.52 -36.58 -6.97
CA LEU B 124 15.87 -37.41 -8.11
C LEU B 124 17.40 -37.34 -8.29
N HIS B 125 18.13 -37.86 -7.31
CA HIS B 125 19.59 -37.69 -7.33
C HIS B 125 20.27 -38.17 -8.61
N MET B 126 19.78 -39.27 -9.19
CA MET B 126 20.45 -39.82 -10.36
C MET B 126 20.17 -39.00 -11.61
N GLU B 127 19.13 -38.17 -11.56
CA GLU B 127 18.74 -37.39 -12.74
C GLU B 127 19.18 -35.91 -12.63
N ARG B 128 19.69 -35.50 -11.47
CA ARG B 128 20.09 -34.11 -11.30
C ARG B 128 21.11 -33.65 -12.36
N VAL B 129 20.88 -32.47 -12.95
CA VAL B 129 21.85 -31.88 -13.89
C VAL B 129 22.19 -30.42 -13.55
N ILE B 130 21.45 -29.86 -12.58
CA ILE B 130 21.75 -28.51 -12.13
C ILE B 130 22.19 -28.65 -10.66
N SER B 131 23.40 -28.21 -10.33
CA SER B 131 23.81 -28.15 -8.93
C SER B 131 23.06 -27.11 -8.10
N TYR B 132 23.13 -27.29 -6.78
CA TYR B 132 22.61 -26.33 -5.85
C TYR B 132 23.21 -24.97 -6.15
N GLU B 133 24.53 -24.99 -6.36
CA GLU B 133 25.28 -23.76 -6.47
C GLU B 133 24.90 -22.91 -7.66
N GLU B 134 24.59 -23.59 -8.76
CA GLU B 134 24.26 -22.87 -10.00
C GLU B 134 22.91 -22.15 -9.82
N GLY B 135 22.00 -22.80 -9.09
CA GLY B 135 20.71 -22.19 -8.78
C GLY B 135 20.89 -21.02 -7.81
N LYS B 136 21.74 -21.24 -6.79
CA LYS B 136 21.93 -20.21 -5.77
C LYS B 136 22.57 -19.01 -6.44
N ALA B 137 23.50 -19.22 -7.37
CA ALA B 137 24.15 -18.07 -7.97
C ALA B 137 23.17 -17.29 -8.88
N LEU B 138 22.27 -18.00 -9.55
CA LEU B 138 21.23 -17.32 -10.35
C LEU B 138 20.38 -16.44 -9.42
N ALA B 139 19.83 -17.04 -8.37
CA ALA B 139 19.09 -16.27 -7.38
C ALA B 139 19.85 -15.06 -6.84
N GLU B 140 21.13 -15.21 -6.50
CA GLU B 140 21.87 -14.09 -5.94
CA GLU B 140 21.86 -14.09 -5.94
C GLU B 140 21.93 -12.95 -6.95
N SER B 141 21.99 -13.31 -8.23
CA SER B 141 22.13 -12.31 -9.28
C SER B 141 20.82 -11.52 -9.43
N TRP B 142 19.73 -12.13 -8.97
CA TRP B 142 18.41 -11.50 -8.93
C TRP B 142 18.12 -10.78 -7.63
N ASN B 143 19.03 -10.88 -6.65
CA ASN B 143 18.74 -10.49 -5.28
C ASN B 143 17.51 -11.22 -4.74
N ALA B 144 17.48 -12.54 -4.92
CA ALA B 144 16.30 -13.35 -4.64
C ALA B 144 16.64 -14.48 -3.73
N ALA B 145 15.69 -14.83 -2.85
CA ALA B 145 15.74 -16.03 -2.03
C ALA B 145 15.81 -17.27 -2.92
N PHE B 146 16.53 -18.30 -2.46
CA PHE B 146 16.68 -19.56 -3.16
C PHE B 146 16.45 -20.74 -2.24
N LEU B 147 15.66 -21.70 -2.69
CA LEU B 147 15.51 -23.00 -1.99
C LEU B 147 15.41 -24.11 -2.99
N GLU B 148 15.92 -25.28 -2.63
CA GLU B 148 15.57 -26.50 -3.37
C GLU B 148 14.44 -27.22 -2.66
N SER B 149 13.63 -27.94 -3.42
CA SER B 149 12.52 -28.66 -2.86
C SER B 149 12.34 -30.01 -3.48
N SER B 150 11.55 -30.83 -2.81
CA SER B 150 10.96 -32.04 -3.42
C SER B 150 9.49 -32.06 -3.10
N ALA B 151 8.63 -32.17 -4.12
CA ALA B 151 7.22 -32.30 -3.88
C ALA B 151 6.86 -33.59 -3.16
N LYS B 152 7.83 -34.52 -3.04
CA LYS B 152 7.55 -35.72 -2.26
C LYS B 152 7.80 -35.52 -0.76
N GLU B 153 8.38 -34.38 -0.39
CA GLU B 153 8.84 -34.09 0.97
C GLU B 153 8.10 -32.89 1.55
N ASN B 154 7.05 -33.14 2.32
CA ASN B 154 6.18 -32.06 2.79
C ASN B 154 6.95 -30.91 3.41
N GLN B 155 8.00 -31.19 4.20
CA GLN B 155 8.67 -30.08 4.86
C GLN B 155 9.31 -29.09 3.90
N THR B 156 9.71 -29.58 2.72
CA THR B 156 10.41 -28.69 1.81
C THR B 156 9.40 -27.81 1.13
N ALA B 157 8.21 -28.34 0.92
CA ALA B 157 7.10 -27.52 0.36
C ALA B 157 6.67 -26.41 1.33
N VAL B 158 6.48 -26.78 2.59
CA VAL B 158 6.21 -25.80 3.64
C VAL B 158 7.28 -24.72 3.71
N ASP B 159 8.55 -25.13 3.65
CA ASP B 159 9.63 -24.16 3.71
C ASP B 159 9.52 -23.11 2.61
N VAL B 160 9.14 -23.58 1.41
CA VAL B 160 9.03 -22.67 0.27
C VAL B 160 7.99 -21.59 0.51
N PHE B 161 6.82 -21.99 0.98
CA PHE B 161 5.75 -21.00 1.11
C PHE B 161 5.91 -20.15 2.38
N ARG B 162 6.53 -20.68 3.45
CA ARG B 162 6.80 -19.83 4.58
C ARG B 162 7.74 -18.74 4.13
N ARG B 163 8.71 -19.11 3.28
CA ARG B 163 9.78 -18.18 2.97
C ARG B 163 9.27 -17.04 2.09
N ILE B 164 8.35 -17.35 1.16
CA ILE B 164 7.86 -16.30 0.26
C ILE B 164 7.11 -15.29 1.10
N ILE B 165 6.40 -15.75 2.14
CA ILE B 165 5.74 -14.83 3.05
C ILE B 165 6.75 -14.05 3.89
N LEU B 166 7.83 -14.68 4.33
CA LEU B 166 8.82 -13.88 5.05
C LEU B 166 9.36 -12.81 4.14
N GLU B 167 9.61 -13.16 2.87
CA GLU B 167 10.13 -12.15 1.99
C GLU B 167 9.13 -11.01 1.71
N ALA B 168 7.86 -11.35 1.59
CA ALA B 168 6.82 -10.33 1.35
C ALA B 168 6.77 -9.34 2.51
N GLU B 169 6.84 -9.86 3.73
CA GLU B 169 6.81 -8.96 4.88
C GLU B 169 8.02 -8.02 4.93
N LYS B 170 9.22 -8.53 4.62
CA LYS B 170 10.42 -7.68 4.58
C LYS B 170 10.29 -6.47 3.70
N LEU B 171 9.62 -6.65 2.57
CA LEU B 171 9.43 -5.56 1.62
C LEU B 171 8.23 -4.68 2.00
N GLU B 172 7.26 -5.21 2.74
CA GLU B 172 6.10 -4.41 3.12
C GLU B 172 6.46 -3.54 4.32
N PRO C 3 1.06 3.75 -39.06
CA PRO C 3 0.25 4.83 -39.65
C PRO C 3 1.01 6.15 -39.74
N GLN C 4 0.58 7.05 -40.64
CA GLN C 4 1.25 8.34 -40.77
C GLN C 4 1.17 9.12 -39.49
N SER C 5 0.02 9.06 -38.82
CA SER C 5 -0.07 9.76 -37.53
C SER C 5 -1.12 9.14 -36.60
N LYS C 6 -0.91 9.30 -35.29
CA LYS C 6 -1.80 8.78 -34.26
C LYS C 6 -2.29 9.93 -33.36
N SER C 7 -3.60 10.04 -33.20
CA SER C 7 -4.14 10.96 -32.22
C SER C 7 -4.21 10.32 -30.86
N ARG C 8 -3.62 10.97 -29.85
CA ARG C 8 -3.67 10.44 -28.49
C ARG C 8 -4.07 11.53 -27.50
N LYS C 9 -4.90 11.19 -26.53
CA LYS C 9 -5.37 12.19 -25.57
C LYS C 9 -4.85 11.87 -24.18
N ILE C 10 -4.26 12.88 -23.53
CA ILE C 10 -3.66 12.74 -22.22
C ILE C 10 -4.34 13.69 -21.28
N ALA C 11 -4.80 13.19 -20.10
CA ALA C 11 -5.37 14.07 -19.10
C ALA C 11 -4.30 14.46 -18.09
N ILE C 12 -4.27 15.73 -17.74
CA ILE C 12 -3.27 16.25 -16.81
C ILE C 12 -4.02 16.56 -15.51
N LEU C 13 -3.66 15.86 -14.45
CA LEU C 13 -4.44 15.90 -13.18
C LEU C 13 -3.56 16.48 -12.10
N GLY C 14 -4.23 16.98 -11.07
CA GLY C 14 -3.51 17.38 -9.87
C GLY C 14 -4.26 18.48 -9.16
N TYR C 15 -3.77 18.77 -7.99
CA TYR C 15 -4.34 19.80 -7.17
C TYR C 15 -4.19 21.19 -7.74
N ARG C 16 -5.04 22.12 -7.29
CA ARG C 16 -4.89 23.49 -7.80
C ARG C 16 -3.51 24.10 -7.54
N SER C 17 -3.07 24.82 -8.57
CA SER C 17 -1.90 25.70 -8.53
CA SER C 17 -1.90 25.70 -8.53
C SER C 17 -0.58 24.96 -8.64
N VAL C 18 -0.61 23.66 -8.98
CA VAL C 18 0.69 22.93 -9.04
C VAL C 18 1.45 23.26 -10.33
N GLY C 19 0.74 23.78 -11.33
CA GLY C 19 1.35 24.24 -12.57
C GLY C 19 0.85 23.44 -13.78
N LYS C 20 -0.33 22.83 -13.64
CA LYS C 20 -0.85 22.05 -14.79
C LYS C 20 -0.97 22.90 -16.07
N SER C 21 -1.59 24.07 -15.96
CA SER C 21 -1.74 24.93 -17.13
C SER C 21 -0.43 25.46 -17.63
N SER C 22 0.45 25.84 -16.70
CA SER C 22 1.73 26.42 -17.06
C SER C 22 2.65 25.41 -17.78
N LEU C 23 2.61 24.14 -17.35
CA LEU C 23 3.42 23.09 -17.93
C LEU C 23 2.89 22.83 -19.32
N THR C 24 1.57 22.75 -19.40
CA THR C 24 0.95 22.41 -20.69
C THR C 24 1.25 23.48 -21.69
N ILE C 25 1.06 24.74 -21.32
CA ILE C 25 1.30 25.87 -22.20
C ILE C 25 2.78 26.07 -22.56
N GLN C 26 3.71 25.81 -21.63
CA GLN C 26 5.11 25.80 -22.00
C GLN C 26 5.38 24.76 -23.11
N PHE C 27 4.83 23.57 -22.99
CA PHE C 27 5.01 22.60 -24.06
C PHE C 27 4.36 23.04 -25.37
N VAL C 28 3.11 23.49 -25.28
CA VAL C 28 2.36 23.66 -26.54
C VAL C 28 2.73 24.96 -27.24
N GLU C 29 2.94 26.02 -26.49
CA GLU C 29 3.20 27.33 -27.07
C GLU C 29 4.63 27.85 -26.89
N GLY C 30 5.41 27.19 -26.03
CA GLY C 30 6.80 27.57 -25.80
C GLY C 30 6.96 28.82 -24.94
N GLN C 31 5.97 29.09 -24.10
CA GLN C 31 5.94 30.32 -23.31
C GLN C 31 5.55 29.96 -21.90
N PHE C 32 6.14 30.64 -20.91
CA PHE C 32 5.71 30.56 -19.52
C PHE C 32 4.66 31.65 -19.30
N VAL C 33 3.45 31.26 -18.97
CA VAL C 33 2.42 32.27 -18.76
C VAL C 33 2.33 32.68 -17.30
N ASP C 34 2.10 33.97 -17.09
CA ASP C 34 1.93 34.55 -15.75
C ASP C 34 0.68 34.06 -15.00
N SER C 35 -0.49 34.13 -15.64
CA SER C 35 -1.70 33.85 -14.88
C SER C 35 -2.88 33.39 -15.73
N TYR C 36 -2.88 32.11 -16.04
CA TYR C 36 -3.93 31.46 -16.79
C TYR C 36 -5.07 31.05 -15.86
N ASP C 37 -6.30 31.39 -16.27
CA ASP C 37 -7.48 31.17 -15.44
C ASP C 37 -7.52 29.81 -14.76
N PRO C 38 -7.45 29.78 -13.42
CA PRO C 38 -7.39 28.49 -12.71
C PRO C 38 -8.66 27.66 -12.76
N THR C 39 -9.77 28.24 -13.22
CA THR C 39 -11.05 27.54 -13.18
C THR C 39 -11.41 26.90 -14.52
N ILE C 40 -10.52 27.05 -15.50
CA ILE C 40 -10.82 26.59 -16.85
C ILE C 40 -10.14 25.26 -17.21
N GLU C 41 -10.90 24.38 -17.87
CA GLU C 41 -10.39 23.17 -18.43
C GLU C 41 -10.46 23.32 -19.95
N ASN C 42 -9.32 23.17 -20.60
CA ASN C 42 -9.25 23.21 -22.06
C ASN C 42 -8.39 22.10 -22.60
N THR C 43 -8.62 21.78 -23.87
CA THR C 43 -7.86 20.76 -24.55
C THR C 43 -6.88 21.45 -25.49
N PHE C 44 -5.59 21.21 -25.26
CA PHE C 44 -4.55 21.77 -26.10
C PHE C 44 -4.04 20.68 -27.06
N THR C 45 -3.55 21.07 -28.23
CA THR C 45 -3.02 20.11 -29.18
CA THR C 45 -3.02 20.09 -29.17
C THR C 45 -1.64 20.49 -29.68
N LYS C 46 -0.82 19.48 -29.93
CA LYS C 46 0.53 19.72 -30.43
C LYS C 46 1.00 18.52 -31.21
N LEU C 47 1.61 18.72 -32.38
CA LEU C 47 2.18 17.61 -33.14
C LEU C 47 3.55 17.26 -32.57
N ILE C 48 3.79 16.01 -32.23
CA ILE C 48 5.13 15.60 -31.81
C ILE C 48 5.53 14.26 -32.42
N THR C 49 6.83 14.05 -32.59
CA THR C 49 7.29 12.78 -33.12
C THR C 49 8.06 12.05 -32.06
N VAL C 50 7.68 10.82 -31.73
CA VAL C 50 8.43 10.01 -30.80
C VAL C 50 8.85 8.66 -31.39
N ASN C 51 10.14 8.34 -31.29
CA ASN C 51 10.64 7.18 -31.98
C ASN C 51 10.19 7.00 -33.44
N GLY C 52 10.24 8.08 -34.21
CA GLY C 52 9.85 8.02 -35.61
C GLY C 52 8.34 8.07 -35.86
N GLN C 53 7.51 7.96 -34.81
CA GLN C 53 6.05 7.98 -35.00
C GLN C 53 5.47 9.36 -34.73
N GLU C 54 4.65 9.86 -35.70
CA GLU C 54 4.01 11.17 -35.51
C GLU C 54 2.74 11.03 -34.67
N TYR C 55 2.55 11.93 -33.68
CA TYR C 55 1.35 11.97 -32.85
C TYR C 55 0.71 13.31 -32.95
N HIS C 56 -0.63 13.36 -33.05
CA HIS C 56 -1.35 14.52 -32.68
C HIS C 56 -1.76 14.34 -31.22
N LEU C 57 -1.03 15.01 -30.34
CA LEU C 57 -1.21 14.81 -28.91
C LEU C 57 -2.20 15.84 -28.37
N GLN C 58 -3.34 15.37 -27.87
CA GLN C 58 -4.35 16.25 -27.27
CA GLN C 58 -4.32 16.27 -27.28
C GLN C 58 -4.16 16.28 -25.76
N LEU C 59 -3.95 17.45 -25.18
CA LEU C 59 -3.68 17.51 -23.73
C LEU C 59 -4.86 18.15 -23.03
N VAL C 60 -5.55 17.38 -22.20
CA VAL C 60 -6.64 17.89 -21.35
C VAL C 60 -6.12 18.46 -20.01
N ASP C 61 -5.99 19.79 -19.97
CA ASP C 61 -5.51 20.58 -18.84
C ASP C 61 -6.67 20.81 -17.90
N THR C 62 -6.89 19.84 -17.01
CA THR C 62 -8.01 19.88 -16.08
C THR C 62 -7.88 20.98 -15.03
N ALA C 63 -9.04 21.38 -14.51
CA ALA C 63 -9.09 22.48 -13.54
C ALA C 63 -8.57 22.11 -12.16
N GLY C 64 -8.43 20.82 -11.87
CA GLY C 64 -7.94 20.47 -10.55
C GLY C 64 -8.82 19.54 -9.79
N GLN C 65 -8.22 18.76 -8.91
CA GLN C 65 -8.94 17.80 -8.10
C GLN C 65 -8.46 17.92 -6.67
N ASP C 66 -9.25 17.41 -5.75
CA ASP C 66 -8.73 17.28 -4.42
C ASP C 66 -9.25 16.00 -3.81
N GLU C 67 -9.18 15.90 -2.49
CA GLU C 67 -9.51 14.64 -1.82
C GLU C 67 -10.99 14.27 -1.97
N TYR C 68 -11.82 15.22 -2.37
CA TYR C 68 -13.24 14.98 -2.53
C TYR C 68 -13.71 14.99 -3.99
N SER C 69 -12.77 15.03 -4.93
CA SER C 69 -13.13 14.91 -6.33
C SER C 69 -13.58 13.49 -6.65
N ILE C 70 -14.36 13.34 -7.73
CA ILE C 70 -14.92 12.05 -8.16
C ILE C 70 -14.40 11.66 -9.52
N PHE C 71 -14.30 10.35 -9.76
CA PHE C 71 -13.70 9.85 -10.99
C PHE C 71 -14.57 8.76 -11.59
N PRO C 72 -15.73 9.16 -12.12
CA PRO C 72 -16.59 8.17 -12.77
C PRO C 72 -16.01 7.74 -14.11
N GLN C 73 -16.20 6.47 -14.47
CA GLN C 73 -15.57 5.91 -15.68
C GLN C 73 -15.94 6.72 -16.92
N THR C 74 -17.07 7.42 -16.87
CA THR C 74 -17.48 8.37 -17.90
C THR C 74 -16.34 9.35 -18.27
N TYR C 75 -15.57 9.81 -17.28
CA TYR C 75 -14.48 10.76 -17.52
C TYR C 75 -13.29 10.10 -18.25
N SER C 76 -13.23 8.78 -18.25
CA SER C 76 -12.10 8.05 -18.82
C SER C 76 -12.26 7.73 -20.30
N ILE C 77 -13.39 8.10 -20.89
CA ILE C 77 -13.61 7.73 -22.28
C ILE C 77 -12.70 8.55 -23.20
N ASP C 78 -11.99 7.85 -24.08
CA ASP C 78 -11.07 8.42 -25.08
C ASP C 78 -9.74 8.90 -24.50
N ILE C 79 -9.51 8.65 -23.21
CA ILE C 79 -8.22 9.02 -22.61
C ILE C 79 -7.16 7.94 -22.74
N ASN C 80 -6.00 8.29 -23.28
CA ASN C 80 -4.96 7.30 -23.55
C ASN C 80 -3.85 7.30 -22.54
N GLY C 81 -3.86 8.24 -21.61
CA GLY C 81 -2.82 8.32 -20.58
C GLY C 81 -3.08 9.48 -19.63
N TYR C 82 -2.44 9.42 -18.47
CA TYR C 82 -2.65 10.40 -17.39
C TYR C 82 -1.31 10.92 -16.87
N ILE C 83 -1.21 12.23 -16.70
CA ILE C 83 -0.03 12.81 -16.08
C ILE C 83 -0.54 13.40 -14.78
N LEU C 84 0.05 12.94 -13.68
CA LEU C 84 -0.37 13.33 -12.31
C LEU C 84 0.69 14.27 -11.82
N VAL C 85 0.30 15.51 -11.57
CA VAL C 85 1.24 16.57 -11.31
C VAL C 85 1.10 17.02 -9.83
N TYR C 86 2.22 17.16 -9.16
CA TYR C 86 2.24 17.88 -7.86
C TYR C 86 3.32 18.98 -7.91
N SER C 87 3.37 19.85 -6.89
CA SER C 87 4.39 20.86 -6.84
C SER C 87 5.40 20.42 -5.76
N VAL C 88 6.69 20.44 -6.05
CA VAL C 88 7.67 20.08 -5.02
C VAL C 88 7.71 21.08 -3.88
N THR C 89 6.99 22.20 -4.04
CA THR C 89 6.88 23.18 -2.97
C THR C 89 5.63 23.02 -2.11
N SER C 90 4.78 22.04 -2.40
CA SER C 90 3.51 21.91 -1.67
C SER C 90 3.22 20.49 -1.16
N ILE C 91 3.44 20.27 0.12
CA ILE C 91 3.09 19.00 0.71
C ILE C 91 1.67 18.59 0.49
N LYS C 92 0.76 19.56 0.57
CA LYS C 92 -0.64 19.33 0.33
C LYS C 92 -0.81 18.72 -1.05
N SER C 93 -0.12 19.31 -2.02
CA SER C 93 -0.31 18.84 -3.42
C SER C 93 0.18 17.40 -3.60
N PHE C 94 1.17 17.01 -2.80
CA PHE C 94 1.67 15.65 -2.87
C PHE C 94 0.76 14.68 -2.17
N GLU C 95 0.23 15.04 -0.99
CA GLU C 95 -0.77 14.19 -0.40
C GLU C 95 -1.99 14.04 -1.32
N VAL C 96 -2.36 15.11 -1.99
CA VAL C 96 -3.56 15.08 -2.85
C VAL C 96 -3.31 14.15 -4.05
N ILE C 97 -2.08 14.08 -4.56
CA ILE C 97 -1.86 13.34 -5.82
C ILE C 97 -1.91 11.85 -5.48
N LYS C 98 -1.56 11.51 -4.23
CA LYS C 98 -1.74 10.11 -3.79
C LYS C 98 -3.22 9.71 -3.78
N VAL C 99 -4.09 10.59 -3.29
CA VAL C 99 -5.53 10.34 -3.25
C VAL C 99 -6.11 10.24 -4.67
N ILE C 100 -5.69 11.16 -5.55
CA ILE C 100 -6.14 11.17 -6.96
C ILE C 100 -5.73 9.84 -7.64
N HIS C 101 -4.50 9.40 -7.41
CA HIS C 101 -4.07 8.13 -7.99
C HIS C 101 -4.94 6.95 -7.58
N GLY C 102 -5.25 6.88 -6.29
CA GLY C 102 -6.07 5.77 -5.83
C GLY C 102 -7.45 5.80 -6.44
N LYS C 103 -8.01 6.99 -6.59
CA LYS C 103 -9.33 7.13 -7.22
C LYS C 103 -9.25 6.82 -8.70
N LEU C 104 -8.14 7.24 -9.30
CA LEU C 104 -7.96 7.00 -10.73
C LEU C 104 -7.94 5.51 -11.02
N LEU C 105 -7.21 4.75 -10.21
CA LEU C 105 -7.17 3.28 -10.36
C LEU C 105 -8.54 2.65 -10.25
N ASP C 106 -9.33 3.11 -9.28
CA ASP C 106 -10.67 2.56 -9.08
C ASP C 106 -11.56 2.92 -10.28
N MET C 107 -11.20 3.96 -11.02
CA MET C 107 -11.97 4.35 -12.19
C MET C 107 -11.65 3.47 -13.39
N VAL C 108 -10.37 3.33 -13.72
CA VAL C 108 -10.03 2.59 -14.93
C VAL C 108 -10.06 1.10 -14.69
N GLY C 109 -9.93 0.70 -13.42
CA GLY C 109 -9.82 -0.71 -13.07
C GLY C 109 -8.48 -1.24 -13.56
N LYS C 110 -8.53 -2.17 -14.51
CA LYS C 110 -7.33 -2.69 -15.14
C LYS C 110 -7.38 -2.50 -16.66
N ILE C 113 -3.47 1.34 -18.85
CA ILE C 113 -3.35 2.80 -19.04
C ILE C 113 -2.05 3.35 -18.45
N PRO C 114 -1.30 4.13 -19.25
CA PRO C 114 -0.06 4.71 -18.70
C PRO C 114 -0.36 5.88 -17.78
N ILE C 115 0.30 5.87 -16.64
CA ILE C 115 0.17 6.93 -15.68
C ILE C 115 1.59 7.41 -15.37
N MET C 116 1.85 8.71 -15.44
CA MET C 116 3.13 9.14 -14.91
C MET C 116 2.95 10.22 -13.87
N LEU C 117 3.98 10.33 -13.03
CA LEU C 117 4.05 11.29 -11.93
C LEU C 117 5.06 12.40 -12.20
N VAL C 118 4.65 13.62 -11.96
CA VAL C 118 5.46 14.77 -12.28
C VAL C 118 5.49 15.74 -11.13
N GLY C 119 6.71 16.03 -10.67
CA GLY C 119 6.88 16.98 -9.59
C GLY C 119 7.36 18.28 -10.18
N ASN C 120 6.46 19.26 -10.20
CA ASN C 120 6.72 20.52 -10.89
C ASN C 120 7.24 21.64 -10.01
N LYS C 121 7.64 22.78 -10.60
CA LYS C 121 8.21 23.96 -9.91
C LYS C 121 9.58 23.64 -9.32
N LYS C 122 10.33 22.79 -10.00
CA LYS C 122 11.67 22.41 -9.48
C LYS C 122 12.62 23.60 -9.46
N ASP C 123 12.26 24.70 -10.12
CA ASP C 123 13.11 25.89 -10.17
C ASP C 123 13.08 26.66 -8.84
N LEU C 124 12.06 26.41 -8.02
CA LEU C 124 11.87 27.17 -6.79
C LEU C 124 12.67 26.51 -5.63
N HIS C 125 14.01 26.50 -5.76
CA HIS C 125 14.83 25.76 -4.81
C HIS C 125 14.57 26.18 -3.36
N MET C 126 14.33 27.46 -3.13
CA MET C 126 14.14 27.92 -1.75
C MET C 126 12.83 27.47 -1.11
N GLU C 127 11.84 27.11 -1.93
CA GLU C 127 10.54 26.71 -1.45
C GLU C 127 10.34 25.19 -1.47
N ARG C 128 11.29 24.45 -2.03
CA ARG C 128 11.13 23.00 -2.11
C ARG C 128 10.93 22.29 -0.77
N VAL C 129 9.92 21.43 -0.65
CA VAL C 129 9.73 20.64 0.57
C VAL C 129 9.64 19.12 0.31
N ILE C 130 9.51 18.74 -0.95
CA ILE C 130 9.54 17.33 -1.36
C ILE C 130 10.84 17.09 -2.12
N SER C 131 11.66 16.14 -1.65
CA SER C 131 12.82 15.68 -2.39
C SER C 131 12.47 14.91 -3.69
N TYR C 132 13.42 14.94 -4.60
CA TYR C 132 13.38 14.12 -5.80
C TYR C 132 13.07 12.64 -5.44
N GLU C 133 13.78 12.12 -4.42
CA GLU C 133 13.66 10.71 -4.06
C GLU C 133 12.29 10.29 -3.53
N GLU C 134 11.63 11.19 -2.82
CA GLU C 134 10.29 10.90 -2.29
C GLU C 134 9.29 10.76 -3.45
N GLY C 135 9.38 11.68 -4.42
CA GLY C 135 8.55 11.56 -5.63
C GLY C 135 8.90 10.28 -6.40
N LYS C 136 10.21 9.99 -6.55
CA LYS C 136 10.64 8.84 -7.33
C LYS C 136 10.11 7.56 -6.64
N ALA C 137 10.22 7.46 -5.32
CA ALA C 137 9.74 6.26 -4.61
C ALA C 137 8.23 6.04 -4.78
N LEU C 138 7.48 7.14 -4.79
CA LEU C 138 6.02 7.06 -4.96
C LEU C 138 5.69 6.50 -6.36
N ALA C 139 6.26 7.10 -7.39
CA ALA C 139 6.15 6.62 -8.75
C ALA C 139 6.53 5.13 -8.87
N GLU C 140 7.66 4.78 -8.29
CA GLU C 140 8.06 3.39 -8.34
C GLU C 140 7.01 2.47 -7.77
N SER C 141 6.37 2.89 -6.68
CA SER C 141 5.43 2.03 -5.99
C SER C 141 4.15 1.89 -6.83
N TRP C 142 3.97 2.81 -7.77
CA TRP C 142 2.84 2.81 -8.72
C TRP C 142 3.16 2.13 -10.05
N ASN C 143 4.37 1.63 -10.22
CA ASN C 143 4.86 1.19 -11.54
C ASN C 143 4.73 2.30 -12.59
N ALA C 144 5.09 3.52 -12.19
CA ALA C 144 4.93 4.75 -12.96
C ALA C 144 6.26 5.42 -13.32
N ALA C 145 6.37 6.00 -14.53
CA ALA C 145 7.47 6.94 -14.83
C ALA C 145 7.39 8.19 -13.89
N PHE C 146 8.57 8.72 -13.57
CA PHE C 146 8.73 9.93 -12.80
C PHE C 146 9.67 10.95 -13.44
N LEU C 147 9.29 12.20 -13.44
CA LEU C 147 10.15 13.30 -13.85
C LEU C 147 9.82 14.49 -12.98
N GLU C 148 10.83 15.29 -12.68
CA GLU C 148 10.57 16.64 -12.21
C GLU C 148 10.58 17.63 -13.35
N SER C 149 9.85 18.73 -13.18
CA SER C 149 9.76 19.73 -14.23
C SER C 149 9.77 21.13 -13.66
N SER C 150 9.98 22.11 -14.54
CA SER C 150 9.68 23.52 -14.27
C SER C 150 8.93 24.04 -15.49
N ALA C 151 7.78 24.66 -15.28
CA ALA C 151 7.05 25.25 -16.41
C ALA C 151 7.83 26.44 -17.02
N LYS C 152 8.89 26.86 -16.35
CA LYS C 152 9.78 27.91 -16.89
C LYS C 152 10.85 27.38 -17.86
N GLU C 153 10.99 26.06 -17.92
CA GLU C 153 12.08 25.42 -18.67
C GLU C 153 11.51 24.52 -19.74
N ASN C 154 11.56 24.97 -20.98
CA ASN C 154 10.83 24.31 -22.03
C ASN C 154 11.22 22.84 -22.15
N GLN C 155 12.51 22.54 -22.06
CA GLN C 155 12.91 21.16 -22.28
C GLN C 155 12.32 20.22 -21.24
N THR C 156 12.13 20.68 -20.00
CA THR C 156 11.55 19.79 -19.00
C THR C 156 10.09 19.48 -19.30
N ALA C 157 9.42 20.42 -19.93
CA ALA C 157 8.02 20.21 -20.36
C ALA C 157 7.91 19.20 -21.53
N VAL C 158 8.74 19.39 -22.53
CA VAL C 158 8.85 18.43 -23.62
C VAL C 158 9.20 17.03 -23.09
N ASP C 159 10.13 16.92 -22.13
CA ASP C 159 10.49 15.59 -21.69
C ASP C 159 9.31 14.85 -21.05
N VAL C 160 8.44 15.59 -20.34
CA VAL C 160 7.27 15.00 -19.72
C VAL C 160 6.29 14.40 -20.75
N PHE C 161 5.99 15.18 -21.77
CA PHE C 161 5.02 14.67 -22.78
C PHE C 161 5.64 13.62 -23.75
N ARG C 162 6.93 13.76 -24.07
CA ARG C 162 7.60 12.68 -24.78
C ARG C 162 7.53 11.41 -23.97
N ARG C 163 7.80 11.49 -22.65
CA ARG C 163 7.86 10.28 -21.90
C ARG C 163 6.53 9.57 -21.76
N ILE C 164 5.43 10.33 -21.63
CA ILE C 164 4.12 9.68 -21.44
C ILE C 164 3.76 8.90 -22.72
N ILE C 165 4.15 9.44 -23.86
CA ILE C 165 3.98 8.73 -25.15
C ILE C 165 4.84 7.46 -25.23
N LEU C 166 6.08 7.53 -24.76
CA LEU C 166 6.90 6.33 -24.76
C LEU C 166 6.24 5.29 -23.90
N GLU C 167 5.74 5.70 -22.72
CA GLU C 167 5.13 4.72 -21.85
C GLU C 167 3.85 4.12 -22.41
N ALA C 168 3.04 4.95 -23.07
CA ALA C 168 1.83 4.44 -23.72
C ALA C 168 2.12 3.34 -24.77
N GLU C 169 3.17 3.55 -25.55
CA GLU C 169 3.60 2.56 -26.53
C GLU C 169 4.11 1.23 -25.93
N LYS C 170 4.79 1.26 -24.79
CA LYS C 170 5.20 0.00 -24.16
C LYS C 170 4.05 -0.92 -23.76
N LEU C 171 2.95 -0.32 -23.31
CA LEU C 171 1.79 -1.09 -22.94
C LEU C 171 1.03 -1.53 -24.17
N GLU C 172 1.09 -0.70 -25.21
CA GLU C 172 0.32 -0.94 -26.43
C GLU C 172 1.03 -1.89 -27.37
N PRO D 3 30.28 16.93 -5.44
CA PRO D 3 31.11 15.84 -4.93
C PRO D 3 30.37 14.52 -4.81
N GLN D 4 31.10 13.42 -4.81
CA GLN D 4 30.49 12.12 -4.76
C GLN D 4 29.70 11.92 -3.48
N SER D 5 30.25 12.46 -2.39
CA SER D 5 29.50 12.41 -1.12
C SER D 5 29.92 13.51 -0.13
N LYS D 6 28.97 13.89 0.72
CA LYS D 6 29.15 14.94 1.74
C LYS D 6 28.79 14.38 3.11
N SER D 7 29.71 14.56 4.07
CA SER D 7 29.45 14.19 5.45
C SER D 7 28.86 15.37 6.17
N ARG D 8 27.69 15.15 6.78
CA ARG D 8 27.02 16.22 7.52
C ARG D 8 26.63 15.73 8.91
N LYS D 9 26.77 16.58 9.92
CA LYS D 9 26.46 16.14 11.28
C LYS D 9 25.27 16.94 11.80
N ILE D 10 24.27 16.22 12.30
CA ILE D 10 23.03 16.85 12.77
C ILE D 10 22.81 16.53 14.25
N ALA D 11 22.67 17.54 15.11
CA ALA D 11 22.36 17.30 16.52
C ALA D 11 20.87 17.19 16.74
N ILE D 12 20.45 16.20 17.51
CA ILE D 12 19.03 16.02 17.83
C ILE D 12 18.84 16.42 19.30
N LEU D 13 18.04 17.48 19.53
CA LEU D 13 17.92 18.08 20.88
C LEU D 13 16.50 17.92 21.40
N GLY D 14 16.31 18.03 22.73
CA GLY D 14 14.94 18.01 23.27
C GLY D 14 14.98 17.51 24.71
N TYR D 15 13.86 17.65 25.38
CA TYR D 15 13.67 17.22 26.77
C TYR D 15 13.68 15.71 26.86
N ARG D 16 13.91 15.18 28.06
CA ARG D 16 13.90 13.72 28.30
C ARG D 16 12.63 13.08 27.82
N SER D 17 12.80 11.93 27.17
CA SER D 17 11.72 11.00 26.87
C SER D 17 10.84 11.43 25.70
N VAL D 18 11.25 12.46 24.95
CA VAL D 18 10.37 12.88 23.81
C VAL D 18 10.49 11.93 22.61
N GLY D 19 11.53 11.12 22.61
CA GLY D 19 11.76 10.11 21.57
C GLY D 19 12.95 10.35 20.66
N LYS D 20 13.93 11.11 21.14
CA LYS D 20 15.09 11.42 20.28
C LYS D 20 15.79 10.10 19.86
N SER D 21 16.07 9.25 20.85
CA SER D 21 16.69 7.96 20.51
C SER D 21 15.83 7.11 19.58
N SER D 22 14.54 6.99 19.90
CA SER D 22 13.65 6.14 19.16
C SER D 22 13.47 6.60 17.71
N LEU D 23 13.40 7.92 17.55
CA LEU D 23 13.26 8.46 16.18
C LEU D 23 14.55 8.18 15.38
N THR D 24 15.68 8.39 16.04
CA THR D 24 16.97 8.27 15.37
C THR D 24 17.22 6.81 14.99
N ILE D 25 16.90 5.91 15.92
CA ILE D 25 17.04 4.47 15.69
C ILE D 25 16.05 3.90 14.67
N GLN D 26 14.81 4.39 14.67
CA GLN D 26 13.89 4.07 13.54
C GLN D 26 14.52 4.45 12.20
N PHE D 27 15.06 5.66 12.08
CA PHE D 27 15.63 6.03 10.79
C PHE D 27 16.87 5.17 10.42
N VAL D 28 17.75 5.00 11.37
CA VAL D 28 19.03 4.39 11.03
C VAL D 28 18.93 2.87 10.93
N GLU D 29 18.14 2.25 11.80
CA GLU D 29 18.04 0.79 11.82
C GLU D 29 16.66 0.20 11.44
N GLY D 30 15.67 1.06 11.19
CA GLY D 30 14.36 0.61 10.74
C GLY D 30 13.62 -0.17 11.81
N GLN D 31 13.93 0.13 13.05
CA GLN D 31 13.39 -0.62 14.19
C GLN D 31 12.84 0.36 15.21
N PHE D 32 11.77 -0.03 15.90
CA PHE D 32 11.28 0.76 17.00
C PHE D 32 11.70 0.07 18.27
N VAL D 33 12.57 0.73 19.03
CA VAL D 33 13.08 0.13 20.25
C VAL D 33 12.29 0.62 21.48
N ASP D 34 12.09 -0.31 22.42
CA ASP D 34 11.33 -0.04 23.65
C ASP D 34 12.07 0.77 24.73
N SER D 35 13.38 0.56 24.84
CA SER D 35 14.09 1.09 25.99
C SER D 35 15.58 1.28 25.79
N TYR D 36 15.93 2.28 24.99
CA TYR D 36 17.30 2.66 24.77
C TYR D 36 17.75 3.58 25.92
N ASP D 37 18.89 3.25 26.53
CA ASP D 37 19.40 3.98 27.68
C ASP D 37 19.23 5.50 27.59
N PRO D 38 18.42 6.09 28.48
CA PRO D 38 18.12 7.52 28.44
C PRO D 38 19.30 8.45 28.71
N THR D 39 20.42 7.90 29.23
CA THR D 39 21.53 8.73 29.68
C THR D 39 22.70 8.78 28.71
N ILE D 40 22.52 8.07 27.59
CA ILE D 40 23.57 7.91 26.62
C ILE D 40 23.39 8.86 25.40
N GLU D 41 24.51 9.47 25.02
CA GLU D 41 24.64 10.21 23.78
C GLU D 41 25.55 9.40 22.84
N ASN D 42 25.03 9.08 21.66
CA ASN D 42 25.85 8.43 20.64
C ASN D 42 25.58 9.07 19.32
N THR D 43 26.55 8.91 18.44
CA THR D 43 26.46 9.37 17.07
C THR D 43 26.16 8.20 16.15
N PHE D 44 25.05 8.31 15.42
CA PHE D 44 24.61 7.30 14.50
C PHE D 44 24.87 7.80 13.07
N THR D 45 25.09 6.88 12.16
CA THR D 45 25.42 7.21 10.80
CA THR D 45 25.38 7.27 10.80
C THR D 45 24.55 6.46 9.81
N LYS D 46 24.21 7.12 8.72
CA LYS D 46 23.36 6.52 7.70
C LYS D 46 23.61 7.20 6.39
N LEU D 47 23.72 6.42 5.32
CA LEU D 47 23.92 7.02 4.00
C LEU D 47 22.54 7.31 3.42
N ILE D 48 22.35 8.53 2.94
CA ILE D 48 21.09 8.93 2.29
C ILE D 48 21.37 9.82 1.09
N THR D 49 20.47 9.73 0.10
CA THR D 49 20.62 10.56 -1.07
C THR D 49 19.49 11.54 -1.10
N VAL D 50 19.78 12.83 -1.25
CA VAL D 50 18.74 13.88 -1.31
C VAL D 50 18.98 14.80 -2.50
N ASN D 51 17.94 14.94 -3.32
CA ASN D 51 18.08 15.54 -4.64
C ASN D 51 19.33 15.12 -5.40
N GLY D 52 19.51 13.80 -5.47
CA GLY D 52 20.62 13.23 -6.20
C GLY D 52 21.97 13.38 -5.54
N GLN D 53 22.05 14.09 -4.41
CA GLN D 53 23.33 14.16 -3.71
C GLN D 53 23.45 13.15 -2.58
N GLU D 54 24.57 12.40 -2.56
CA GLU D 54 24.84 11.42 -1.52
C GLU D 54 25.37 12.11 -0.24
N TYR D 55 24.81 11.74 0.93
CA TYR D 55 25.29 12.22 2.24
C TYR D 55 25.63 11.06 3.13
N HIS D 56 26.75 11.16 3.87
CA HIS D 56 26.98 10.41 5.05
C HIS D 56 26.47 11.25 6.23
N LEU D 57 25.31 10.87 6.73
CA LEU D 57 24.61 11.69 7.70
C LEU D 57 25.00 11.20 9.09
N GLN D 58 25.63 12.07 9.87
CA GLN D 58 26.00 11.75 11.26
CA GLN D 58 26.00 11.74 11.25
C GLN D 58 24.97 12.35 12.22
N LEU D 59 24.29 11.51 13.00
CA LEU D 59 23.23 12.01 13.88
C LEU D 59 23.64 11.90 15.37
N VAL D 60 23.78 13.05 16.00
CA VAL D 60 24.18 13.11 17.45
C VAL D 60 22.89 13.09 18.29
N ASP D 61 22.57 11.89 18.79
CA ASP D 61 21.35 11.62 19.58
C ASP D 61 21.67 12.02 21.04
N THR D 62 21.51 13.29 21.37
CA THR D 62 21.91 13.80 22.68
C THR D 62 21.03 13.23 23.79
N ALA D 63 21.54 13.30 25.05
CA ALA D 63 20.77 12.72 26.14
C ALA D 63 19.74 13.67 26.75
N GLY D 64 19.63 14.86 26.20
CA GLY D 64 18.52 15.68 26.63
C GLY D 64 18.92 16.95 27.32
N GLN D 65 18.06 17.94 27.18
CA GLN D 65 18.31 19.22 27.79
C GLN D 65 17.06 19.65 28.55
N ASP D 66 17.24 20.57 29.48
CA ASP D 66 16.07 21.20 30.10
C ASP D 66 16.23 22.71 30.17
N GLU D 67 15.36 23.38 30.91
CA GLU D 67 15.46 24.83 31.01
C GLU D 67 16.76 25.32 31.65
N TYR D 68 17.55 24.41 32.23
CA TYR D 68 18.78 24.78 32.93
C TYR D 68 20.04 24.24 32.24
N SER D 69 19.87 23.75 31.03
CA SER D 69 20.98 23.27 30.23
C SER D 69 21.80 24.43 29.68
N ILE D 70 23.00 24.14 29.18
CA ILE D 70 23.90 25.17 28.69
C ILE D 70 24.37 24.86 27.28
N PHE D 71 24.64 25.91 26.52
CA PHE D 71 25.02 25.72 25.13
C PHE D 71 26.25 26.53 24.80
N PRO D 72 27.40 26.10 25.34
CA PRO D 72 28.66 26.75 24.96
C PRO D 72 28.93 26.55 23.48
N GLN D 73 29.52 27.55 22.82
CA GLN D 73 29.81 27.46 21.40
C GLN D 73 30.70 26.28 21.04
N THR D 74 31.45 25.78 22.02
CA THR D 74 32.26 24.57 21.85
C THR D 74 31.46 23.36 21.30
N TYR D 75 30.12 23.41 21.38
CA TYR D 75 29.28 22.34 20.85
C TYR D 75 28.95 22.54 19.37
N SER D 76 28.83 23.79 18.95
CA SER D 76 28.49 24.12 17.58
C SER D 76 29.58 23.66 16.60
N ILE D 77 30.75 23.30 17.13
CA ILE D 77 31.84 22.85 16.27
C ILE D 77 31.44 21.53 15.62
N ASP D 78 31.60 21.49 14.29
CA ASP D 78 31.29 20.35 13.41
C ASP D 78 29.80 20.13 13.16
N ILE D 79 28.92 20.88 13.85
CA ILE D 79 27.46 20.69 13.68
C ILE D 79 26.88 21.50 12.52
N ASN D 80 26.21 20.78 11.60
CA ASN D 80 25.67 21.37 10.38
C ASN D 80 24.17 21.63 10.40
N GLY D 81 23.47 21.19 11.44
CA GLY D 81 22.04 21.42 11.56
C GLY D 81 21.53 20.84 12.89
N TYR D 82 20.38 21.31 13.29
CA TYR D 82 19.75 20.94 14.58
C TYR D 82 18.31 20.53 14.37
N ILE D 83 17.94 19.38 14.91
CA ILE D 83 16.55 18.98 15.01
C ILE D 83 16.10 19.09 16.46
N LEU D 84 15.07 19.86 16.70
CA LEU D 84 14.58 20.13 18.08
C LEU D 84 13.29 19.37 18.21
N VAL D 85 13.27 18.42 19.13
CA VAL D 85 12.20 17.47 19.25
C VAL D 85 11.39 17.76 20.51
N TYR D 86 10.08 17.80 20.39
CA TYR D 86 9.24 17.68 21.62
C TYR D 86 8.25 16.50 21.42
N SER D 87 7.45 16.20 22.44
CA SER D 87 6.41 15.18 22.37
C SER D 87 5.06 15.87 22.31
N VAL D 88 4.21 15.50 21.37
CA VAL D 88 2.89 16.14 21.37
C VAL D 88 2.03 15.70 22.57
N THR D 89 2.56 14.82 23.41
CA THR D 89 1.88 14.35 24.62
C THR D 89 2.43 15.03 25.88
N SER D 90 3.37 15.94 25.71
CA SER D 90 4.02 16.57 26.87
C SER D 90 4.11 18.10 26.76
N ILE D 91 3.18 18.81 27.40
CA ILE D 91 3.35 20.27 27.52
C ILE D 91 4.74 20.69 27.99
N LYS D 92 5.26 19.98 29.01
CA LYS D 92 6.53 20.31 29.55
C LYS D 92 7.55 20.29 28.44
N SER D 93 7.50 19.25 27.60
CA SER D 93 8.53 19.09 26.58
C SER D 93 8.48 20.22 25.54
N PHE D 94 7.27 20.76 25.33
CA PHE D 94 7.08 21.86 24.41
C PHE D 94 7.56 23.16 25.00
N GLU D 95 7.26 23.42 26.25
CA GLU D 95 7.79 24.60 26.93
C GLU D 95 9.32 24.55 26.91
N VAL D 96 9.85 23.36 27.08
CA VAL D 96 11.30 23.20 27.17
C VAL D 96 11.96 23.46 25.82
N ILE D 97 11.30 23.05 24.74
CA ILE D 97 11.96 23.18 23.43
C ILE D 97 12.02 24.66 23.08
N LYS D 98 11.08 25.46 23.57
CA LYS D 98 11.15 26.92 23.38
C LYS D 98 12.41 27.51 24.04
N VAL D 99 12.71 27.09 25.28
CA VAL D 99 13.90 27.51 25.98
C VAL D 99 15.19 27.05 25.33
N ILE D 100 15.25 25.78 24.93
CA ILE D 100 16.40 25.22 24.20
C ILE D 100 16.65 26.08 22.95
N HIS D 101 15.60 26.40 22.19
CA HIS D 101 15.81 27.20 20.97
C HIS D 101 16.43 28.57 21.24
N GLY D 102 15.97 29.23 22.29
CA GLY D 102 16.47 30.54 22.57
C GLY D 102 17.95 30.46 22.92
N LYS D 103 18.31 29.41 23.63
CA LYS D 103 19.72 29.25 24.01
C LYS D 103 20.57 28.84 22.82
N LEU D 104 19.96 28.05 21.93
CA LEU D 104 20.65 27.63 20.73
C LEU D 104 20.95 28.86 19.88
N LEU D 105 20.00 29.78 19.78
CA LEU D 105 20.25 31.00 19.01
C LEU D 105 21.44 31.79 19.57
N ASP D 106 21.49 31.91 20.89
CA ASP D 106 22.59 32.61 21.56
C ASP D 106 23.92 31.92 21.25
N MET D 107 23.90 30.61 21.11
CA MET D 107 25.12 29.87 20.84
C MET D 107 25.64 30.14 19.42
N VAL D 108 24.80 29.98 18.41
CA VAL D 108 25.31 30.05 17.04
C VAL D 108 25.23 31.45 16.44
N GLY D 109 24.50 32.36 17.08
CA GLY D 109 24.38 33.71 16.56
C GLY D 109 23.82 33.73 15.16
N LYS D 110 24.59 34.26 14.20
CA LYS D 110 24.14 34.34 12.81
C LYS D 110 25.09 33.61 11.86
N VAL D 111 24.87 32.32 11.69
CA VAL D 111 25.66 31.52 10.77
C VAL D 111 24.74 30.72 9.84
N PRO D 114 20.71 25.49 9.78
CA PRO D 114 19.30 25.09 9.79
C PRO D 114 18.84 24.47 11.10
N ILE D 115 17.66 24.87 11.50
CA ILE D 115 17.04 24.38 12.71
C ILE D 115 15.66 23.92 12.31
N MET D 116 15.27 22.68 12.61
CA MET D 116 13.88 22.30 12.42
C MET D 116 13.19 21.83 13.70
N LEU D 117 11.87 21.90 13.71
CA LEU D 117 11.08 21.53 14.87
C LEU D 117 10.28 20.29 14.58
N VAL D 118 10.29 19.35 15.51
CA VAL D 118 9.60 18.07 15.33
C VAL D 118 8.75 17.71 16.54
N GLY D 119 7.46 17.47 16.24
CA GLY D 119 6.46 17.02 17.19
C GLY D 119 6.31 15.53 17.14
N ASN D 120 6.97 14.83 18.05
CA ASN D 120 6.95 13.36 17.99
C ASN D 120 5.83 12.72 18.80
N LYS D 121 5.70 11.39 18.71
CA LYS D 121 4.66 10.59 19.36
C LYS D 121 3.26 10.89 18.80
N LYS D 122 3.20 11.23 17.51
CA LYS D 122 1.86 11.55 16.96
C LYS D 122 0.93 10.36 16.94
N ASP D 123 1.45 9.14 17.04
CA ASP D 123 0.60 7.95 17.10
C ASP D 123 -0.23 7.86 18.38
N LEU D 124 0.15 8.58 19.44
CA LEU D 124 -0.56 8.46 20.70
C LEU D 124 -1.74 9.41 20.78
N HIS D 125 -2.76 9.20 19.91
CA HIS D 125 -3.87 10.13 19.81
C HIS D 125 -4.58 10.42 21.15
N MET D 126 -4.76 9.41 21.99
CA MET D 126 -5.46 9.64 23.25
C MET D 126 -4.68 10.51 24.21
N GLU D 127 -3.36 10.64 24.00
CA GLU D 127 -2.50 11.35 24.93
C GLU D 127 -2.10 12.75 24.42
N ARG D 128 -2.41 13.04 23.18
CA ARG D 128 -2.03 14.32 22.60
C ARG D 128 -2.55 15.52 23.40
N VAL D 129 -1.67 16.50 23.68
CA VAL D 129 -2.11 17.77 24.29
C VAL D 129 -1.66 19.00 23.52
N ILE D 130 -0.79 18.78 22.54
CA ILE D 130 -0.33 19.84 21.66
C ILE D 130 -0.89 19.56 20.24
N SER D 131 -1.67 20.50 19.72
CA SER D 131 -2.15 20.40 18.35
C SER D 131 -1.05 20.60 17.31
N TYR D 132 -1.34 20.11 16.09
CA TYR D 132 -0.46 20.29 14.97
C TYR D 132 -0.18 21.78 14.81
N GLU D 133 -1.25 22.57 14.91
CA GLU D 133 -1.19 23.99 14.59
C GLU D 133 -0.29 24.78 15.51
N GLU D 134 -0.30 24.41 16.77
CA GLU D 134 0.46 25.13 17.78
C GLU D 134 1.95 24.89 17.54
N GLY D 135 2.28 23.67 17.13
CA GLY D 135 3.67 23.38 16.75
C GLY D 135 4.07 24.13 15.48
N LYS D 136 3.19 24.09 14.46
CA LYS D 136 3.52 24.75 13.22
C LYS D 136 3.74 26.26 13.46
N ALA D 137 2.91 26.88 14.29
CA ALA D 137 3.03 28.31 14.49
C ALA D 137 4.34 28.66 15.20
N LEU D 138 4.75 27.80 16.13
CA LEU D 138 6.06 28.00 16.79
C LEU D 138 7.16 27.96 15.76
N ALA D 139 7.19 26.90 14.97
CA ALA D 139 8.20 26.79 13.91
C ALA D 139 8.19 27.99 12.94
N GLU D 140 7.01 28.41 12.50
CA GLU D 140 6.96 29.59 11.64
C GLU D 140 7.59 30.82 12.27
N SER D 141 7.40 31.00 13.57
CA SER D 141 7.93 32.15 14.28
C SER D 141 9.45 32.08 14.38
N TRP D 142 9.99 30.87 14.17
CA TRP D 142 11.44 30.62 14.16
C TRP D 142 11.99 30.63 12.74
N ASN D 143 11.12 30.81 11.75
CA ASN D 143 11.51 30.61 10.35
C ASN D 143 12.13 29.23 10.20
N ALA D 144 11.47 28.22 10.77
CA ALA D 144 11.94 26.83 10.78
C ALA D 144 10.94 25.88 10.14
N ALA D 145 11.45 24.81 9.51
CA ALA D 145 10.62 23.69 9.04
C ALA D 145 9.97 22.99 10.26
N PHE D 146 8.77 22.46 10.04
CA PHE D 146 7.99 21.71 11.02
C PHE D 146 7.46 20.39 10.48
N LEU D 147 7.63 19.32 11.23
CA LEU D 147 6.99 18.05 10.94
C LEU D 147 6.55 17.42 12.20
N GLU D 148 5.48 16.64 12.15
CA GLU D 148 5.23 15.71 13.24
C GLU D 148 5.72 14.33 12.83
N SER D 149 6.00 13.51 13.82
CA SER D 149 6.54 12.19 13.59
C SER D 149 6.02 11.20 14.58
N SER D 150 6.22 9.93 14.26
CA SER D 150 6.08 8.83 15.22
C SER D 150 7.28 7.95 15.05
N ALA D 151 7.99 7.68 16.14
CA ALA D 151 9.12 6.76 16.06
C ALA D 151 8.69 5.33 15.70
N LYS D 152 7.39 5.06 15.72
CA LYS D 152 6.89 3.74 15.31
C LYS D 152 6.64 3.64 13.79
N GLU D 153 6.73 4.78 13.11
CA GLU D 153 6.44 4.86 11.67
C GLU D 153 7.66 5.29 10.86
N ASN D 154 8.35 4.33 10.26
CA ASN D 154 9.60 4.60 9.56
C ASN D 154 9.54 5.80 8.60
N GLN D 155 8.46 5.93 7.82
CA GLN D 155 8.47 6.99 6.83
C GLN D 155 8.53 8.36 7.47
N THR D 156 7.93 8.50 8.64
CA THR D 156 7.88 9.79 9.29
C THR D 156 9.28 10.13 9.81
N ALA D 157 10.03 9.11 10.21
CA ALA D 157 11.42 9.36 10.60
C ALA D 157 12.32 9.76 9.41
N VAL D 158 12.17 9.04 8.30
CA VAL D 158 12.89 9.39 7.07
C VAL D 158 12.57 10.81 6.63
N ASP D 159 11.29 11.18 6.73
CA ASP D 159 10.90 12.51 6.29
C ASP D 159 11.60 13.60 7.11
N VAL D 160 11.76 13.37 8.41
CA VAL D 160 12.46 14.33 9.25
C VAL D 160 13.93 14.54 8.83
N PHE D 161 14.61 13.45 8.58
CA PHE D 161 16.03 13.63 8.23
C PHE D 161 16.29 14.04 6.77
N ARG D 162 15.40 13.69 5.85
CA ARG D 162 15.50 14.23 4.50
C ARG D 162 15.31 15.73 4.55
N ARG D 163 14.37 16.17 5.41
CA ARG D 163 14.00 17.57 5.39
C ARG D 163 15.09 18.47 5.96
N ILE D 164 15.74 18.02 7.03
CA ILE D 164 16.83 18.84 7.60
C ILE D 164 17.96 19.00 6.59
N ILE D 165 18.22 17.96 5.80
CA ILE D 165 19.20 18.07 4.71
C ILE D 165 18.69 19.00 3.59
N LEU D 166 17.41 18.93 3.27
CA LEU D 166 16.91 19.90 2.29
C LEU D 166 17.12 21.32 2.79
N GLU D 167 16.79 21.55 4.06
CA GLU D 167 16.96 22.88 4.60
C GLU D 167 18.42 23.33 4.68
N ALA D 168 19.31 22.40 5.00
CA ALA D 168 20.74 22.76 5.07
C ALA D 168 21.26 23.25 3.71
N GLU D 169 20.76 22.64 2.65
CA GLU D 169 21.25 22.96 1.32
C GLU D 169 20.73 24.30 0.82
N LYS D 170 19.49 24.65 1.19
CA LYS D 170 18.93 25.97 0.90
C LYS D 170 19.75 27.14 1.43
N LEU D 171 20.29 26.96 2.64
CA LEU D 171 21.11 27.98 3.26
C LEU D 171 22.51 27.94 2.69
N GLU D 172 22.97 26.75 2.34
CA GLU D 172 24.33 26.59 1.81
C GLU D 172 24.39 27.09 0.37
MG MG E . -13.04 -5.71 3.50
C ACT F . -10.82 1.71 10.52
O ACT F . -11.53 0.85 11.08
OXT ACT F . -11.40 2.78 10.19
CH3 ACT F . -9.37 1.47 10.25
PB GDP G . -15.38 -5.78 1.18
O1B GDP G . -16.52 -6.67 1.17
O2B GDP G . -14.85 -5.44 2.60
O3B GDP G . -14.30 -6.16 0.21
O3A GDP G . -16.01 -4.33 0.65
PA GDP G . -15.67 -2.89 1.08
O1A GDP G . -16.34 -2.45 2.36
O2A GDP G . -14.23 -2.47 0.91
O5' GDP G . -16.44 -1.96 -0.17
C5' GDP G . -16.03 -2.15 -1.45
C4' GDP G . -16.29 -0.82 -2.21
O4' GDP G . -17.78 -0.61 -2.18
C3' GDP G . -15.64 0.38 -1.55
O3' GDP G . -15.29 1.29 -2.61
C2' GDP G . -16.80 0.95 -0.69
O2' GDP G . -16.73 2.33 -0.51
C1' GDP G . -18.05 0.59 -1.56
N9 GDP G . -19.26 0.28 -0.76
C8 GDP G . -19.47 -0.68 0.22
N7 GDP G . -20.74 -0.71 0.69
C5 GDP G . -21.40 0.26 -0.05
C6 GDP G . -22.77 0.64 0.05
O6 GDP G . -23.70 0.20 0.73
N1 GDP G . -23.06 1.65 -0.92
C2 GDP G . -22.13 2.20 -1.77
N2 GDP G . -22.59 3.19 -2.64
N3 GDP G . -20.85 1.85 -1.90
C4 GDP G . -20.54 0.86 -0.99
C10 E7S H . -12.84 -16.64 7.37
C01 E7S H . -15.99 -19.42 8.65
C02 E7S H . -14.79 -18.35 8.17
C03 E7S H . -14.28 -18.52 6.90
C04 E7S H . -13.28 -17.64 6.50
N05 E7S H . -12.56 -17.57 5.29
C06 E7S H . -11.73 -16.53 5.44
C07 E7S H . -10.74 -15.95 4.46
O08 E7S H . -11.14 -14.56 4.24
N09 E7S H . -11.86 -15.93 6.70
C11 E7S H . -13.35 -16.47 8.66
C12 E7S H . -14.34 -17.32 9.03
C13 E7S H . -14.94 -17.10 10.61
C1 EDO I . -29.24 -12.86 -11.22
O1 EDO I . -29.63 -14.24 -11.22
C2 EDO I . -30.23 -12.07 -12.07
O2 EDO I . -31.53 -12.51 -11.72
MG MG J . 0.50 -28.27 -13.12
C ACT K . -6.30 -32.20 -6.33
O ACT K . -5.93 -33.10 -5.52
OXT ACT K . -6.19 -31.02 -5.95
CH3 ACT K . -6.84 -32.55 -7.69
PB GDP L . 3.72 -28.83 -13.46
O1B GDP L . 2.47 -28.57 -12.61
O2B GDP L . 4.86 -27.89 -13.25
O3B GDP L . 3.43 -29.00 -14.94
O3A GDP L . 4.31 -30.29 -12.92
PA GDP L . 3.56 -31.39 -12.14
O1A GDP L . 2.41 -32.05 -12.86
O2A GDP L . 3.36 -31.12 -10.68
O5' GDP L . 4.77 -32.63 -12.15
C5' GDP L . 5.23 -33.13 -13.33
C4' GDP L . 5.64 -34.59 -13.06
O4' GDP L . 6.78 -34.56 -12.08
C3' GDP L . 4.55 -35.44 -12.41
O3' GDP L . 4.72 -36.78 -12.88
C2' GDP L . 4.94 -35.38 -10.92
O2' GDP L . 4.61 -36.51 -10.20
C1' GDP L . 6.49 -35.33 -11.01
N9 GDP L . 7.05 -34.51 -9.92
C8 GDP L . 6.78 -33.17 -9.58
N7 GDP L . 7.54 -32.76 -8.55
C5 GDP L . 8.37 -33.83 -8.25
C6 GDP L . 9.38 -33.91 -7.23
O6 GDP L . 9.80 -33.11 -6.42
N1 GDP L . 9.99 -35.19 -7.26
C2 GDP L . 9.66 -36.19 -8.11
N2 GDP L . 10.36 -37.38 -7.99
N3 GDP L . 8.72 -36.13 -9.08
C4 GDP L . 8.12 -34.91 -9.09
C10 E7S M . -0.35 -16.82 -15.34
C01 E7S M . 1.95 -13.45 -13.72
C02 E7S M . 1.07 -14.74 -14.35
C03 E7S M . 1.45 -15.21 -15.59
C04 E7S M . 0.72 -16.28 -16.09
N05 E7S M . 0.83 -16.97 -17.30
C06 E7S M . -0.11 -17.90 -17.27
C07 E7S M . -0.44 -18.95 -18.29
O08 E7S M . 0.04 -20.20 -17.75
N09 E7S M . -0.87 -17.85 -16.10
C11 E7S M . -0.72 -16.34 -14.10
C12 E7S M . 0.01 -15.31 -13.62
C13 E7S M . -0.45 -14.71 -12.09
C1 EDO N . 24.12 -24.86 -17.98
O1 EDO N . 24.70 -25.46 -19.16
C2 EDO N . 23.86 -25.92 -16.88
O2 EDO N . 25.04 -26.08 -16.08
MG MG O . -4.96 25.60 -14.61
C ACT P . -2.83 31.03 -23.45
O ACT P . -3.39 30.17 -24.16
OXT ACT P . -1.61 31.23 -23.65
CH3 ACT P . -3.57 31.83 -22.41
PB GDP Q . -2.84 24.92 -12.19
O1B GDP Q . -2.32 23.58 -11.86
O2B GDP Q . -3.23 25.06 -13.69
O3B GDP Q . -3.89 25.42 -11.23
O3A GDP Q . -1.50 25.88 -12.04
PA GDP Q . -1.03 27.06 -12.86
O1A GDP Q . -0.36 26.74 -14.15
O2A GDP Q . -2.02 28.21 -12.96
O5' GDP Q . 0.18 27.82 -11.93
C5' GDP Q . -0.11 28.23 -10.67
C4' GDP Q . 0.92 29.34 -10.33
O4' GDP Q . 2.24 28.70 -10.31
C3' GDP Q . 0.98 30.43 -11.42
O3' GDP Q . 1.30 31.63 -10.73
C2' GDP Q . 2.15 29.98 -12.32
O2' GDP Q . 2.84 31.03 -12.89
C1' GDP Q . 3.07 29.33 -11.24
N9 GDP Q . 3.85 28.23 -11.76
C8 GDP Q . 3.40 27.08 -12.42
N7 GDP Q . 4.40 26.22 -12.71
C5 GDP Q . 5.54 26.85 -12.20
C6 GDP Q . 6.87 26.36 -12.24
O6 GDP Q . 7.36 25.33 -12.67
N1 GDP Q . 7.75 27.29 -11.61
C2 GDP Q . 7.36 28.49 -11.06
N2 GDP Q . 8.35 29.29 -10.48
N3 GDP Q . 6.09 28.96 -11.01
C4 GDP Q . 5.23 28.08 -11.59
C10 E7S R . -11.35 15.93 -15.23
C01 E7S R . -10.14 11.67 -15.29
C02 E7S R . -10.60 13.30 -15.23
C03 E7S R . -11.05 13.82 -14.03
C04 E7S R . -11.42 15.17 -14.03
N05 E7S R . -11.91 15.97 -12.99
C06 E7S R . -12.10 17.18 -13.55
C07 E7S R . -12.59 18.44 -12.88
O08 E7S R . -11.50 19.36 -12.91
N09 E7S R . -11.77 17.20 -14.92
C11 E7S R . -10.91 15.38 -16.43
C12 E7S R . -10.54 14.07 -16.40
C13 E7S R . -10.00 13.38 -17.83
C1 EDO S . 5.71 14.25 2.86
O1 EDO S . 5.87 13.06 3.64
C2 EDO S . 6.86 15.24 3.11
O2 EDO S . 8.08 14.55 3.32
MG MG T . 17.72 8.89 24.29
C ACT U . 20.48 0.10 19.42
O ACT U . 19.71 -0.58 18.71
OXT ACT U . 21.23 0.90 18.82
CH3 ACT U . 20.49 -0.06 20.91
PB GDP V . 14.71 10.30 24.53
O1B GDP V . 15.84 9.57 23.76
O2B GDP V . 14.22 11.57 23.95
O3B GDP V . 14.94 10.41 26.04
O3A GDP V . 13.43 9.31 24.37
PA GDP V . 13.35 7.83 23.99
O1A GDP V . 14.04 6.87 24.94
O2A GDP V . 13.56 7.48 22.55
O5' GDP V . 11.73 7.42 24.25
C5' GDP V . 11.19 7.58 25.46
C4' GDP V . 10.05 6.57 25.54
O4' GDP V . 9.03 6.97 24.51
C3' GDP V . 10.48 5.17 25.21
O3' GDP V . 9.66 4.31 26.02
C2' GDP V . 10.05 5.02 23.72
O2' GDP V . 9.69 3.71 23.41
C1' GDP V . 8.78 5.88 23.71
N9 GDP V . 8.60 6.52 22.42
C8 GDP V . 9.50 7.33 21.71
N7 GDP V . 8.96 7.81 20.58
C5 GDP V . 7.69 7.31 20.53
C6 GDP V . 6.72 7.56 19.49
O6 GDP V . 6.78 8.24 18.48
N1 GDP V . 5.50 6.89 19.78
C2 GDP V . 5.32 6.11 20.90
N2 GDP V . 4.09 5.50 21.04
N3 GDP V . 6.24 5.88 21.92
C4 GDP V . 7.41 6.53 21.65
C10 E7S W . 24.43 18.30 23.72
C01 E7S W . 24.23 22.02 21.34
C02 E7S W . 24.29 20.60 22.31
C03 E7S W . 23.90 20.67 23.63
C04 E7S W . 23.99 19.47 24.36
N05 E7S W . 23.69 19.19 25.71
C06 E7S W . 23.93 17.87 25.85
C07 E7S W . 23.78 16.99 27.07
O08 E7S W . 22.61 16.14 26.76
N09 E7S W . 24.39 17.29 24.67
C11 E7S W . 24.81 18.25 22.40
C12 E7S W . 24.72 19.40 21.72
C13 E7S W . 25.18 19.35 20.12
C1 EDO X . 0.36 25.11 25.94
O1 EDO X . 0.43 26.33 25.19
C2 EDO X . -0.38 24.07 25.12
O2 EDO X . -1.61 24.67 24.62
#